data_212D
# 
_entry.id   212D 
# 
_audit_conform.dict_name       mmcif_pdbx.dic 
_audit_conform.dict_version    5.387 
_audit_conform.dict_location   http://mmcif.pdb.org/dictionaries/ascii/mmcif_pdbx.dic 
# 
loop_
_database_2.database_id 
_database_2.database_code 
_database_2.pdbx_database_accession 
_database_2.pdbx_DOI 
PDB   212D         pdb_0000212d 10.2210/pdb212d/pdb 
RCSB  ADJ065       ?            ?                   
WWPDB D_1000177571 ?            ?                   
# 
loop_
_pdbx_audit_revision_history.ordinal 
_pdbx_audit_revision_history.data_content_type 
_pdbx_audit_revision_history.major_revision 
_pdbx_audit_revision_history.minor_revision 
_pdbx_audit_revision_history.revision_date 
1 'Structure model' 1 0 1996-01-31 
2 'Structure model' 1 1 2008-05-22 
3 'Structure model' 1 2 2011-07-13 
4 'Structure model' 1 3 2024-02-14 
# 
_pdbx_audit_revision_details.ordinal             1 
_pdbx_audit_revision_details.revision_ordinal    1 
_pdbx_audit_revision_details.data_content_type   'Structure model' 
_pdbx_audit_revision_details.provider            repository 
_pdbx_audit_revision_details.type                'Initial release' 
_pdbx_audit_revision_details.description         ? 
_pdbx_audit_revision_details.details             ? 
# 
loop_
_pdbx_audit_revision_group.ordinal 
_pdbx_audit_revision_group.revision_ordinal 
_pdbx_audit_revision_group.data_content_type 
_pdbx_audit_revision_group.group 
1 2 'Structure model' 'Version format compliance' 
2 3 'Structure model' 'Version format compliance' 
3 4 'Structure model' 'Data collection'           
4 4 'Structure model' 'Database references'       
5 4 'Structure model' 'Derived calculations'      
# 
loop_
_pdbx_audit_revision_category.ordinal 
_pdbx_audit_revision_category.revision_ordinal 
_pdbx_audit_revision_category.data_content_type 
_pdbx_audit_revision_category.category 
1 4 'Structure model' chem_comp_atom 
2 4 'Structure model' chem_comp_bond 
3 4 'Structure model' database_2     
4 4 'Structure model' struct_site    
# 
loop_
_pdbx_audit_revision_item.ordinal 
_pdbx_audit_revision_item.revision_ordinal 
_pdbx_audit_revision_item.data_content_type 
_pdbx_audit_revision_item.item 
1 4 'Structure model' '_database_2.pdbx_DOI'                
2 4 'Structure model' '_database_2.pdbx_database_accession' 
3 4 'Structure model' '_struct_site.pdbx_auth_asym_id'      
4 4 'Structure model' '_struct_site.pdbx_auth_comp_id'      
5 4 'Structure model' '_struct_site.pdbx_auth_seq_id'       
# 
_pdbx_database_status.status_code                     REL 
_pdbx_database_status.entry_id                        212D 
_pdbx_database_status.recvd_initial_deposition_date   1995-06-26 
_pdbx_database_status.deposit_site                    BNL 
_pdbx_database_status.process_site                    NDB 
_pdbx_database_status.SG_entry                        . 
_pdbx_database_status.pdb_format_compatible           Y 
_pdbx_database_status.status_code_mr                  ? 
_pdbx_database_status.status_code_sf                  ? 
_pdbx_database_status.status_code_cs                  ? 
_pdbx_database_status.status_code_nmr_data            ? 
_pdbx_database_status.methods_development_category    ? 
# 
loop_
_audit_author.name 
_audit_author.pdbx_ordinal 
'Gao, Y.-G.'     1 
'Robinson, H.'   2 
'Van Boom, J.H.' 3 
'Wang, A.H.-J.'  4 
# 
_citation.id                        primary 
_citation.title                     
'Influence of counter-ions on the crystal structures of DNA decamers: binding of [Co(NH3)6]3+ and Ba2+ to A-DNA.' 
_citation.journal_abbrev            Biophys.J. 
_citation.journal_volume            69 
_citation.page_first                559 
_citation.page_last                 568 
_citation.year                      1995 
_citation.journal_id_ASTM           BIOJAU 
_citation.country                   US 
_citation.journal_id_ISSN           0006-3495 
_citation.journal_id_CSD            0030 
_citation.book_publisher            ? 
_citation.pdbx_database_id_PubMed   8527670 
_citation.pdbx_database_id_DOI      ? 
# 
loop_
_citation_author.citation_id 
_citation_author.name 
_citation_author.ordinal 
_citation_author.identifier_ORCID 
primary 'Gao, Y.G.'      1 ? 
primary 'Robinson, H.'   2 ? 
primary 'van Boom, J.H.' 3 ? 
primary 'Wang, A.H.'     4 ? 
# 
loop_
_entity.id 
_entity.type 
_entity.src_method 
_entity.pdbx_description 
_entity.formula_weight 
_entity.pdbx_number_of_molecules 
_entity.pdbx_ec 
_entity.pdbx_mutation 
_entity.pdbx_fragment 
_entity.details 
1 polymer     syn 
;DNA (5'-D(*AP*CP*CP*GP*GP*CP*CP*GP*GP*T)-3')
;
3045.992 1  ? ? ? ? 
2 non-polymer syn 'COBALT HEXAMMINE(III)'                        161.116  3  ? ? ? ? 
3 water       nat water                                          18.015   66 ? ? ? ? 
# 
_entity_poly.entity_id                      1 
_entity_poly.type                           polydeoxyribonucleotide 
_entity_poly.nstd_linkage                   no 
_entity_poly.nstd_monomer                   no 
_entity_poly.pdbx_seq_one_letter_code       '(DA)(DC)(DC)(DG)(DG)(DC)(DC)(DG)(DG)(DT)' 
_entity_poly.pdbx_seq_one_letter_code_can   ACCGGCCGGT 
_entity_poly.pdbx_strand_id                 A 
_entity_poly.pdbx_target_identifier         ? 
# 
loop_
_pdbx_entity_nonpoly.entity_id 
_pdbx_entity_nonpoly.name 
_pdbx_entity_nonpoly.comp_id 
2 'COBALT HEXAMMINE(III)' NCO 
3 water                   HOH 
# 
loop_
_entity_poly_seq.entity_id 
_entity_poly_seq.num 
_entity_poly_seq.mon_id 
_entity_poly_seq.hetero 
1 1  DA n 
1 2  DC n 
1 3  DC n 
1 4  DG n 
1 5  DG n 
1 6  DC n 
1 7  DC n 
1 8  DG n 
1 9  DG n 
1 10 DT n 
# 
loop_
_chem_comp.id 
_chem_comp.type 
_chem_comp.mon_nstd_flag 
_chem_comp.name 
_chem_comp.pdbx_synonyms 
_chem_comp.formula 
_chem_comp.formula_weight 
DA  'DNA linking' y "2'-DEOXYADENOSINE-5'-MONOPHOSPHATE" ? 'C10 H14 N5 O6 P' 331.222 
DC  'DNA linking' y "2'-DEOXYCYTIDINE-5'-MONOPHOSPHATE"  ? 'C9 H14 N3 O7 P'  307.197 
DG  'DNA linking' y "2'-DEOXYGUANOSINE-5'-MONOPHOSPHATE" ? 'C10 H14 N5 O7 P' 347.221 
DT  'DNA linking' y "THYMIDINE-5'-MONOPHOSPHATE"         ? 'C10 H15 N2 O8 P' 322.208 
HOH non-polymer   . WATER                                ? 'H2 O'            18.015  
NCO non-polymer   . 'COBALT HEXAMMINE(III)'              ? 'Co H18 N6 3'     161.116 
# 
loop_
_pdbx_poly_seq_scheme.asym_id 
_pdbx_poly_seq_scheme.entity_id 
_pdbx_poly_seq_scheme.seq_id 
_pdbx_poly_seq_scheme.mon_id 
_pdbx_poly_seq_scheme.ndb_seq_num 
_pdbx_poly_seq_scheme.pdb_seq_num 
_pdbx_poly_seq_scheme.auth_seq_num 
_pdbx_poly_seq_scheme.pdb_mon_id 
_pdbx_poly_seq_scheme.auth_mon_id 
_pdbx_poly_seq_scheme.pdb_strand_id 
_pdbx_poly_seq_scheme.pdb_ins_code 
_pdbx_poly_seq_scheme.hetero 
A 1 1  DA 1  1  1  DA A A . n 
A 1 2  DC 2  2  2  DC C A . n 
A 1 3  DC 3  3  3  DC C A . n 
A 1 4  DG 4  4  4  DG G A . n 
A 1 5  DG 5  5  5  DG G A . n 
A 1 6  DC 6  6  6  DC C A . n 
A 1 7  DC 7  7  7  DC C A . n 
A 1 8  DG 8  8  8  DG G A . n 
A 1 9  DG 9  9  9  DG G A . n 
A 1 10 DT 10 10 10 DT T A . n 
# 
loop_
_pdbx_nonpoly_scheme.asym_id 
_pdbx_nonpoly_scheme.entity_id 
_pdbx_nonpoly_scheme.mon_id 
_pdbx_nonpoly_scheme.ndb_seq_num 
_pdbx_nonpoly_scheme.pdb_seq_num 
_pdbx_nonpoly_scheme.auth_seq_num 
_pdbx_nonpoly_scheme.pdb_mon_id 
_pdbx_nonpoly_scheme.auth_mon_id 
_pdbx_nonpoly_scheme.pdb_strand_id 
_pdbx_nonpoly_scheme.pdb_ins_code 
B 2 NCO 1  11 11 NCO NCO A . 
C 2 NCO 1  12 12 NCO NCO A . 
D 2 NCO 1  13 13 NCO NCO A . 
E 3 HOH 1  14 14 HOH HOH A . 
E 3 HOH 2  15 15 HOH HOH A . 
E 3 HOH 3  16 16 HOH HOH A . 
E 3 HOH 4  17 17 HOH HOH A . 
E 3 HOH 5  18 18 HOH HOH A . 
E 3 HOH 6  19 19 HOH HOH A . 
E 3 HOH 7  20 20 HOH HOH A . 
E 3 HOH 8  21 21 HOH HOH A . 
E 3 HOH 9  22 22 HOH HOH A . 
E 3 HOH 10 23 23 HOH HOH A . 
E 3 HOH 11 24 24 HOH HOH A . 
E 3 HOH 12 25 25 HOH HOH A . 
E 3 HOH 13 26 26 HOH HOH A . 
E 3 HOH 14 27 27 HOH HOH A . 
E 3 HOH 15 28 28 HOH HOH A . 
E 3 HOH 16 29 29 HOH HOH A . 
E 3 HOH 17 30 30 HOH HOH A . 
E 3 HOH 18 31 31 HOH HOH A . 
E 3 HOH 19 32 32 HOH HOH A . 
E 3 HOH 20 33 33 HOH HOH A . 
E 3 HOH 21 34 34 HOH HOH A . 
E 3 HOH 22 35 35 HOH HOH A . 
E 3 HOH 23 36 36 HOH HOH A . 
E 3 HOH 24 37 37 HOH HOH A . 
E 3 HOH 25 38 38 HOH HOH A . 
E 3 HOH 26 39 39 HOH HOH A . 
E 3 HOH 27 40 40 HOH HOH A . 
E 3 HOH 28 41 41 HOH HOH A . 
E 3 HOH 29 42 42 HOH HOH A . 
E 3 HOH 30 43 43 HOH HOH A . 
E 3 HOH 31 44 44 HOH HOH A . 
E 3 HOH 32 45 45 HOH HOH A . 
E 3 HOH 33 46 46 HOH HOH A . 
E 3 HOH 34 47 47 HOH HOH A . 
E 3 HOH 35 48 48 HOH HOH A . 
E 3 HOH 36 49 49 HOH HOH A . 
E 3 HOH 37 50 50 HOH HOH A . 
E 3 HOH 38 51 51 HOH HOH A . 
E 3 HOH 39 52 52 HOH HOH A . 
E 3 HOH 40 53 53 HOH HOH A . 
E 3 HOH 41 54 54 HOH HOH A . 
E 3 HOH 42 55 55 HOH HOH A . 
E 3 HOH 43 56 56 HOH HOH A . 
E 3 HOH 44 57 57 HOH HOH A . 
E 3 HOH 45 58 58 HOH HOH A . 
E 3 HOH 46 59 59 HOH HOH A . 
E 3 HOH 47 60 60 HOH HOH A . 
E 3 HOH 48 61 61 HOH HOH A . 
E 3 HOH 49 62 62 HOH HOH A . 
E 3 HOH 50 63 63 HOH HOH A . 
E 3 HOH 51 64 64 HOH HOH A . 
E 3 HOH 52 65 65 HOH HOH A . 
E 3 HOH 53 66 66 HOH HOH A . 
E 3 HOH 54 67 67 HOH HOH A . 
E 3 HOH 55 68 68 HOH HOH A . 
E 3 HOH 56 69 69 HOH HOH A . 
E 3 HOH 57 70 70 HOH HOH A . 
E 3 HOH 58 71 71 HOH HOH A . 
E 3 HOH 59 72 72 HOH HOH A . 
E 3 HOH 60 73 73 HOH HOH A . 
E 3 HOH 61 74 74 HOH HOH A . 
E 3 HOH 62 75 75 HOH HOH A . 
E 3 HOH 63 76 76 HOH HOH A . 
E 3 HOH 64 77 77 HOH HOH A . 
E 3 HOH 65 78 78 HOH HOH A . 
E 3 HOH 66 79 79 HOH HOH A . 
# 
_software.name             NUCLSQ 
_software.classification   refinement 
_software.version          . 
_software.citation_id      ? 
_software.pdbx_ordinal     1 
# 
_cell.entry_id           212D 
_cell.length_a           39.092 
_cell.length_b           39.092 
_cell.length_c           77.550 
_cell.angle_alpha        90.00 
_cell.angle_beta         90.00 
_cell.angle_gamma        120.00 
_cell.Z_PDB              12 
_cell.pdbx_unique_axis   ? 
# 
_symmetry.entry_id                         212D 
_symmetry.space_group_name_H-M             'P 61 2 2' 
_symmetry.pdbx_full_space_group_name_H-M   ? 
_symmetry.cell_setting                     ? 
_symmetry.Int_Tables_number                178 
# 
_exptl.entry_id          212D 
_exptl.method            'X-RAY DIFFRACTION' 
_exptl.crystals_number   ? 
# 
_exptl_crystal.id                    1 
_exptl_crystal.density_meas          ? 
_exptl_crystal.density_Matthews      2.81 
_exptl_crystal.density_percent_sol   56.19 
_exptl_crystal.description           ? 
# 
_exptl_crystal_grow.crystal_id      1 
_exptl_crystal_grow.method          'VAPOR DIFFUSION' 
_exptl_crystal_grow.temp            ? 
_exptl_crystal_grow.temp_details    ? 
_exptl_crystal_grow.pH              6.50 
_exptl_crystal_grow.pdbx_details    'pH 6.50, VAPOR DIFFUSION' 
_exptl_crystal_grow.pdbx_pH_range   ? 
# 
loop_
_exptl_crystal_grow_comp.crystal_id 
_exptl_crystal_grow_comp.id 
_exptl_crystal_grow_comp.sol_id 
_exptl_crystal_grow_comp.name 
_exptl_crystal_grow_comp.volume 
_exptl_crystal_grow_comp.conc 
_exptl_crystal_grow_comp.details 
1 1 1 WATER           ? ? ? 
1 2 1 MPD             ? ? ? 
1 3 1 'NA CACODYLATE' ? ? ? 
1 4 1 '[CO(NH3)6]3+'  ? ? ? 
1 5 3 WATER           ? ? ? 
1 6 3 '[CO(NH3)6]3+'  ? ? ? 
# 
_diffrn.id                     1 
_diffrn.ambient_temp           ? 
_diffrn.ambient_temp_details   'ROOM TEMPERATURE' 
_diffrn.crystal_id             1 
# 
_diffrn_detector.diffrn_id              1 
_diffrn_detector.detector               'IMAGE PLATE' 
_diffrn_detector.type                   'RIGAKU RAXIS IIC' 
_diffrn_detector.pdbx_collection_date   ? 
_diffrn_detector.details                ? 
# 
_diffrn_radiation.diffrn_id                        1 
_diffrn_radiation.wavelength_id                    1 
_diffrn_radiation.pdbx_monochromatic_or_laue_m_l   ? 
_diffrn_radiation.monochromator                    ? 
_diffrn_radiation.pdbx_diffrn_protocol             ? 
_diffrn_radiation.pdbx_scattering_type             x-ray 
# 
_diffrn_radiation_wavelength.id           1 
_diffrn_radiation_wavelength.wavelength   . 
_diffrn_radiation_wavelength.wt           1.0 
# 
_diffrn_source.diffrn_id                   1 
_diffrn_source.source                      'ROTATING ANODE' 
_diffrn_source.type                        'RIGAKU RU200' 
_diffrn_source.pdbx_synchrotron_site       ? 
_diffrn_source.pdbx_synchrotron_beamline   ? 
_diffrn_source.pdbx_wavelength             ? 
_diffrn_source.pdbx_wavelength_list        ? 
# 
_reflns.entry_id                     212D 
_reflns.observed_criterion_sigma_I   ? 
_reflns.observed_criterion_sigma_F   ? 
_reflns.d_resolution_low             ? 
_reflns.d_resolution_high            1.900 
_reflns.number_obs                   2163 
_reflns.number_all                   ? 
_reflns.percent_possible_obs         ? 
_reflns.pdbx_Rmerge_I_obs            ? 
_reflns.pdbx_Rsym_value              ? 
_reflns.pdbx_netI_over_sigmaI        ? 
_reflns.B_iso_Wilson_estimate        ? 
_reflns.pdbx_redundancy              ? 
_reflns.pdbx_diffrn_id               1 
_reflns.pdbx_ordinal                 1 
# 
_refine.entry_id                                 212D 
_refine.ls_number_reflns_obs                     2163 
_refine.ls_number_reflns_all                     ? 
_refine.pdbx_ls_sigma_I                          ? 
_refine.pdbx_ls_sigma_F                          4.000 
_refine.pdbx_data_cutoff_high_absF               ? 
_refine.pdbx_data_cutoff_low_absF                ? 
_refine.pdbx_data_cutoff_high_rms_absF           ? 
_refine.ls_d_res_low                             ? 
_refine.ls_d_res_high                            1.900 
_refine.ls_percent_reflns_obs                    ? 
_refine.ls_R_factor_obs                          0.1940000 
_refine.ls_R_factor_all                          ? 
_refine.ls_R_factor_R_work                       ? 
_refine.ls_R_factor_R_free                       ? 
_refine.ls_R_factor_R_free_error                 ? 
_refine.ls_R_factor_R_free_error_details         ? 
_refine.ls_percent_reflns_R_free                 ? 
_refine.ls_number_reflns_R_free                  ? 
_refine.ls_number_parameters                     ? 
_refine.ls_number_restraints                     ? 
_refine.occupancy_min                            ? 
_refine.occupancy_max                            ? 
_refine.B_iso_mean                               ? 
_refine.aniso_B[1][1]                            ? 
_refine.aniso_B[2][2]                            ? 
_refine.aniso_B[3][3]                            ? 
_refine.aniso_B[1][2]                            ? 
_refine.aniso_B[1][3]                            ? 
_refine.aniso_B[2][3]                            ? 
_refine.solvent_model_details                    ? 
_refine.solvent_model_param_ksol                 ? 
_refine.solvent_model_param_bsol                 ? 
_refine.pdbx_ls_cross_valid_method               ? 
_refine.details                                  ? 
_refine.pdbx_starting_model                      ? 
_refine.pdbx_method_to_determine_struct          ? 
_refine.pdbx_isotropic_thermal_model             ? 
_refine.pdbx_stereochemistry_target_values       ? 
_refine.pdbx_stereochem_target_val_spec_case     ? 
_refine.pdbx_R_Free_selection_details            ? 
_refine.pdbx_overall_ESU_R                       ? 
_refine.pdbx_overall_ESU_R_Free                  ? 
_refine.overall_SU_ML                            ? 
_refine.overall_SU_B                             ? 
_refine.pdbx_refine_id                           'X-RAY DIFFRACTION' 
_refine.pdbx_diffrn_id                           1 
_refine.pdbx_TLS_residual_ADP_flag               ? 
_refine.correlation_coeff_Fo_to_Fc               ? 
_refine.correlation_coeff_Fo_to_Fc_free          ? 
_refine.pdbx_solvent_vdw_probe_radii             ? 
_refine.pdbx_solvent_ion_probe_radii             ? 
_refine.pdbx_solvent_shrinkage_radii             ? 
_refine.pdbx_overall_phase_error                 ? 
_refine.overall_SU_R_Cruickshank_DPI             ? 
_refine.pdbx_overall_SU_R_free_Cruickshank_DPI   ? 
_refine.pdbx_overall_SU_R_Blow_DPI               ? 
_refine.pdbx_overall_SU_R_free_Blow_DPI          ? 
# 
_refine_hist.pdbx_refine_id                   'X-RAY DIFFRACTION' 
_refine_hist.cycle_id                         LAST 
_refine_hist.pdbx_number_atoms_protein        0 
_refine_hist.pdbx_number_atoms_nucleic_acid   202 
_refine_hist.pdbx_number_atoms_ligand         21 
_refine_hist.number_atoms_solvent             66 
_refine_hist.number_atoms_total               289 
_refine_hist.d_res_high                       1.900 
_refine_hist.d_res_low                        . 
# 
loop_
_refine_ls_restr.type 
_refine_ls_restr.dev_ideal 
_refine_ls_restr.dev_ideal_target 
_refine_ls_restr.weight 
_refine_ls_restr.number 
_refine_ls_restr.pdbx_refine_id 
_refine_ls_restr.pdbx_restraint_function 
n_bond_d               0.021 ? ? ? 'X-RAY DIFFRACTION' ? 
n_angle_d              ?     ? ? ? 'X-RAY DIFFRACTION' ? 
n_planar_d             ?     ? ? ? 'X-RAY DIFFRACTION' ? 
n_hb_or_metal_coord    ?     ? ? ? 'X-RAY DIFFRACTION' ? 
n_sugar_bond_it        ?     ? ? ? 'X-RAY DIFFRACTION' ? 
n_sugar_angle_it       ?     ? ? ? 'X-RAY DIFFRACTION' ? 
n_phos_bond_it         ?     ? ? ? 'X-RAY DIFFRACTION' ? 
n_phos_angle_it        ?     ? ? ? 'X-RAY DIFFRACTION' ? 
n_bond_angle_restr     ?     ? ? ? 'X-RAY DIFFRACTION' ? 
n_dihedral_angle_restr ?     ? ? ? 'X-RAY DIFFRACTION' ? 
n_impr_tor             ?     ? ? ? 'X-RAY DIFFRACTION' ? 
n_sugar_bond_d         ?     ? ? ? 'X-RAY DIFFRACTION' ? 
n_sugar_bond_angle_d   ?     ? ? ? 'X-RAY DIFFRACTION' ? 
n_phos_bond_d          ?     ? ? ? 'X-RAY DIFFRACTION' ? 
n_phos_bond_angle_d    ?     ? ? ? 'X-RAY DIFFRACTION' ? 
n_plane_restr          ?     ? ? ? 'X-RAY DIFFRACTION' ? 
n_chiral_restr         ?     ? ? ? 'X-RAY DIFFRACTION' ? 
n_singtor_nbd          ?     ? ? ? 'X-RAY DIFFRACTION' ? 
n_multtor_nbd          ?     ? ? ? 'X-RAY DIFFRACTION' ? 
n_xhyhbond_nbd         ?     ? ? ? 'X-RAY DIFFRACTION' ? 
# 
_struct.entry_id                  212D 
_struct.title                     
'INFLUENCE OF COUNTER-IONS ON THE CRYSTAL STRUCTURES OF DNA DECAMERS: BINDING OF [CO(NH3)6]3+ AND BA2+ TO A-DNA' 
_struct.pdbx_model_details        ? 
_struct.pdbx_CASP_flag            ? 
_struct.pdbx_model_type_details   ? 
# 
_struct_keywords.entry_id        212D 
_struct_keywords.pdbx_keywords   DNA 
_struct_keywords.text            'A-DNA, DOUBLE HELIX, DNA' 
# 
loop_
_struct_asym.id 
_struct_asym.pdbx_blank_PDB_chainid_flag 
_struct_asym.pdbx_modified 
_struct_asym.entity_id 
_struct_asym.details 
A N N 1 ? 
B N N 2 ? 
C N N 2 ? 
D N N 2 ? 
E N N 3 ? 
# 
_struct_ref.id                         1 
_struct_ref.entity_id                  1 
_struct_ref.db_name                    PDB 
_struct_ref.db_code                    212D 
_struct_ref.pdbx_db_accession          212D 
_struct_ref.pdbx_db_isoform            ? 
_struct_ref.pdbx_seq_one_letter_code   ? 
_struct_ref.pdbx_align_begin           ? 
# 
_struct_ref_seq.align_id                      1 
_struct_ref_seq.ref_id                        1 
_struct_ref_seq.pdbx_PDB_id_code              212D 
_struct_ref_seq.pdbx_strand_id                A 
_struct_ref_seq.seq_align_beg                 1 
_struct_ref_seq.pdbx_seq_align_beg_ins_code   ? 
_struct_ref_seq.seq_align_end                 10 
_struct_ref_seq.pdbx_seq_align_end_ins_code   ? 
_struct_ref_seq.pdbx_db_accession             212D 
_struct_ref_seq.db_align_beg                  1 
_struct_ref_seq.pdbx_db_align_beg_ins_code    ? 
_struct_ref_seq.db_align_end                  10 
_struct_ref_seq.pdbx_db_align_end_ins_code    ? 
_struct_ref_seq.pdbx_auth_seq_align_beg       1 
_struct_ref_seq.pdbx_auth_seq_align_end       10 
# 
_pdbx_struct_assembly.id                   1 
_pdbx_struct_assembly.details              author_defined_assembly 
_pdbx_struct_assembly.method_details       ? 
_pdbx_struct_assembly.oligomeric_details   dimeric 
_pdbx_struct_assembly.oligomeric_count     2 
# 
_pdbx_struct_assembly_gen.assembly_id       1 
_pdbx_struct_assembly_gen.oper_expression   1,2 
_pdbx_struct_assembly_gen.asym_id_list      A,B,C,D,E 
# 
loop_
_pdbx_struct_oper_list.id 
_pdbx_struct_oper_list.type 
_pdbx_struct_oper_list.name 
_pdbx_struct_oper_list.symmetry_operation 
_pdbx_struct_oper_list.matrix[1][1] 
_pdbx_struct_oper_list.matrix[1][2] 
_pdbx_struct_oper_list.matrix[1][3] 
_pdbx_struct_oper_list.vector[1] 
_pdbx_struct_oper_list.matrix[2][1] 
_pdbx_struct_oper_list.matrix[2][2] 
_pdbx_struct_oper_list.matrix[2][3] 
_pdbx_struct_oper_list.vector[2] 
_pdbx_struct_oper_list.matrix[3][1] 
_pdbx_struct_oper_list.matrix[3][2] 
_pdbx_struct_oper_list.matrix[3][3] 
_pdbx_struct_oper_list.vector[3] 
1 'identity operation'         1_555  x,y,z         1.0000000000  0.0000000000  0.0000000000  0.0000000000 0.0000000000  1.0000000000  0.0000000000 0.0000000000 0.0000000000  0.0000000000 1.0000000000 0.0000000000 
2 'crystal symmetry operation' 11_555 -x+y,y,-z+1/2 -0.9503703725 -0.0338517091 -0.3092736925 5.7132005439 -0.0338517091 -0.9769101992 0.2109514740 7.2547713100 -0.3092736925 0.2109514740 0.9272805717 0.1227314435 
# 
_struct_biol.id   1 
# 
loop_
_struct_conn.id 
_struct_conn.conn_type_id 
_struct_conn.pdbx_leaving_atom_flag 
_struct_conn.pdbx_PDB_id 
_struct_conn.ptnr1_label_asym_id 
_struct_conn.ptnr1_label_comp_id 
_struct_conn.ptnr1_label_seq_id 
_struct_conn.ptnr1_label_atom_id 
_struct_conn.pdbx_ptnr1_label_alt_id 
_struct_conn.pdbx_ptnr1_PDB_ins_code 
_struct_conn.pdbx_ptnr1_standard_comp_id 
_struct_conn.ptnr1_symmetry 
_struct_conn.ptnr2_label_asym_id 
_struct_conn.ptnr2_label_comp_id 
_struct_conn.ptnr2_label_seq_id 
_struct_conn.ptnr2_label_atom_id 
_struct_conn.pdbx_ptnr2_label_alt_id 
_struct_conn.pdbx_ptnr2_PDB_ins_code 
_struct_conn.ptnr1_auth_asym_id 
_struct_conn.ptnr1_auth_comp_id 
_struct_conn.ptnr1_auth_seq_id 
_struct_conn.ptnr2_auth_asym_id 
_struct_conn.ptnr2_auth_comp_id 
_struct_conn.ptnr2_auth_seq_id 
_struct_conn.ptnr2_symmetry 
_struct_conn.pdbx_ptnr3_label_atom_id 
_struct_conn.pdbx_ptnr3_label_seq_id 
_struct_conn.pdbx_ptnr3_label_comp_id 
_struct_conn.pdbx_ptnr3_label_asym_id 
_struct_conn.pdbx_ptnr3_label_alt_id 
_struct_conn.pdbx_ptnr3_PDB_ins_code 
_struct_conn.details 
_struct_conn.pdbx_dist_value 
_struct_conn.pdbx_value_order 
_struct_conn.pdbx_role 
hydrog1  hydrog ? ? A DA 1  N1 ? ? ? 1_555 A DT 10 N3 ? ? A DA 1  A DT 10 11_555 ? ? ? ? ? ? WATSON-CRICK ? ? ? 
hydrog2  hydrog ? ? A DA 1  N6 ? ? ? 1_555 A DT 10 O4 ? ? A DA 1  A DT 10 11_555 ? ? ? ? ? ? WATSON-CRICK ? ? ? 
hydrog3  hydrog ? ? A DC 2  N3 ? ? ? 1_555 A DG 9  N1 ? ? A DC 2  A DG 9  11_555 ? ? ? ? ? ? WATSON-CRICK ? ? ? 
hydrog4  hydrog ? ? A DC 2  N4 ? ? ? 1_555 A DG 9  O6 ? ? A DC 2  A DG 9  11_555 ? ? ? ? ? ? WATSON-CRICK ? ? ? 
hydrog5  hydrog ? ? A DC 2  O2 ? ? ? 1_555 A DG 9  N2 ? ? A DC 2  A DG 9  11_555 ? ? ? ? ? ? WATSON-CRICK ? ? ? 
hydrog6  hydrog ? ? A DC 3  N3 ? ? ? 1_555 A DG 8  N1 ? ? A DC 3  A DG 8  11_555 ? ? ? ? ? ? WATSON-CRICK ? ? ? 
hydrog7  hydrog ? ? A DC 3  N4 ? ? ? 1_555 A DG 8  O6 ? ? A DC 3  A DG 8  11_555 ? ? ? ? ? ? WATSON-CRICK ? ? ? 
hydrog8  hydrog ? ? A DC 3  O2 ? ? ? 1_555 A DG 8  N2 ? ? A DC 3  A DG 8  11_555 ? ? ? ? ? ? WATSON-CRICK ? ? ? 
hydrog9  hydrog ? ? A DG 4  N1 ? ? ? 1_555 A DC 7  N3 ? ? A DG 4  A DC 7  11_555 ? ? ? ? ? ? WATSON-CRICK ? ? ? 
hydrog10 hydrog ? ? A DG 4  N2 ? ? ? 1_555 A DC 7  O2 ? ? A DG 4  A DC 7  11_555 ? ? ? ? ? ? WATSON-CRICK ? ? ? 
hydrog11 hydrog ? ? A DG 4  O6 ? ? ? 1_555 A DC 7  N4 ? ? A DG 4  A DC 7  11_555 ? ? ? ? ? ? WATSON-CRICK ? ? ? 
hydrog12 hydrog ? ? A DG 5  N1 ? ? ? 1_555 A DC 6  N3 ? ? A DG 5  A DC 6  11_555 ? ? ? ? ? ? WATSON-CRICK ? ? ? 
hydrog13 hydrog ? ? A DG 5  N2 ? ? ? 1_555 A DC 6  O2 ? ? A DG 5  A DC 6  11_555 ? ? ? ? ? ? WATSON-CRICK ? ? ? 
hydrog14 hydrog ? ? A DG 5  O6 ? ? ? 1_555 A DC 6  N4 ? ? A DG 5  A DC 6  11_555 ? ? ? ? ? ? WATSON-CRICK ? ? ? 
hydrog15 hydrog ? ? A DC 6  N3 ? ? ? 1_555 A DG 5  N1 ? ? A DC 6  A DG 5  11_555 ? ? ? ? ? ? WATSON-CRICK ? ? ? 
hydrog16 hydrog ? ? A DC 6  N4 ? ? ? 1_555 A DG 5  O6 ? ? A DC 6  A DG 5  11_555 ? ? ? ? ? ? WATSON-CRICK ? ? ? 
hydrog17 hydrog ? ? A DC 6  O2 ? ? ? 1_555 A DG 5  N2 ? ? A DC 6  A DG 5  11_555 ? ? ? ? ? ? WATSON-CRICK ? ? ? 
hydrog18 hydrog ? ? A DC 7  N3 ? ? ? 1_555 A DG 4  N1 ? ? A DC 7  A DG 4  11_555 ? ? ? ? ? ? WATSON-CRICK ? ? ? 
hydrog19 hydrog ? ? A DC 7  N4 ? ? ? 1_555 A DG 4  O6 ? ? A DC 7  A DG 4  11_555 ? ? ? ? ? ? WATSON-CRICK ? ? ? 
hydrog20 hydrog ? ? A DC 7  O2 ? ? ? 1_555 A DG 4  N2 ? ? A DC 7  A DG 4  11_555 ? ? ? ? ? ? WATSON-CRICK ? ? ? 
hydrog21 hydrog ? ? A DG 8  N1 ? ? ? 1_555 A DC 3  N3 ? ? A DG 8  A DC 3  11_555 ? ? ? ? ? ? WATSON-CRICK ? ? ? 
hydrog22 hydrog ? ? A DG 8  N2 ? ? ? 1_555 A DC 3  O2 ? ? A DG 8  A DC 3  11_555 ? ? ? ? ? ? WATSON-CRICK ? ? ? 
hydrog23 hydrog ? ? A DG 8  O6 ? ? ? 1_555 A DC 3  N4 ? ? A DG 8  A DC 3  11_555 ? ? ? ? ? ? WATSON-CRICK ? ? ? 
hydrog24 hydrog ? ? A DG 9  N1 ? ? ? 1_555 A DC 2  N3 ? ? A DG 9  A DC 2  11_555 ? ? ? ? ? ? WATSON-CRICK ? ? ? 
hydrog25 hydrog ? ? A DG 9  N2 ? ? ? 1_555 A DC 2  O2 ? ? A DG 9  A DC 2  11_555 ? ? ? ? ? ? WATSON-CRICK ? ? ? 
hydrog26 hydrog ? ? A DG 9  O6 ? ? ? 1_555 A DC 2  N4 ? ? A DG 9  A DC 2  11_555 ? ? ? ? ? ? WATSON-CRICK ? ? ? 
hydrog27 hydrog ? ? A DT 10 N3 ? ? ? 1_555 A DA 1  N1 ? ? A DT 10 A DA 1  11_555 ? ? ? ? ? ? WATSON-CRICK ? ? ? 
hydrog28 hydrog ? ? A DT 10 O4 ? ? ? 1_555 A DA 1  N6 ? ? A DT 10 A DA 1  11_555 ? ? ? ? ? ? WATSON-CRICK ? ? ? 
# 
_struct_conn_type.id          hydrog 
_struct_conn_type.criteria    ? 
_struct_conn_type.reference   ? 
# 
loop_
_struct_site.id 
_struct_site.pdbx_evidence_code 
_struct_site.pdbx_auth_asym_id 
_struct_site.pdbx_auth_comp_id 
_struct_site.pdbx_auth_seq_id 
_struct_site.pdbx_auth_ins_code 
_struct_site.pdbx_num_residues 
_struct_site.details 
AC1 Software A NCO 11 ? 6 'BINDING SITE FOR RESIDUE NCO A 11' 
AC2 Software A NCO 12 ? 5 'BINDING SITE FOR RESIDUE NCO A 12' 
AC3 Software A NCO 13 ? 4 'BINDING SITE FOR RESIDUE NCO A 13' 
# 
loop_
_struct_site_gen.id 
_struct_site_gen.site_id 
_struct_site_gen.pdbx_num_res 
_struct_site_gen.label_comp_id 
_struct_site_gen.label_asym_id 
_struct_site_gen.label_seq_id 
_struct_site_gen.pdbx_auth_ins_code 
_struct_site_gen.auth_comp_id 
_struct_site_gen.auth_asym_id 
_struct_site_gen.auth_seq_id 
_struct_site_gen.label_atom_id 
_struct_site_gen.label_alt_id 
_struct_site_gen.symmetry 
_struct_site_gen.details 
1  AC1 6 DG  A 4 ? DG  A 4  . ? 5_554  ? 
2  AC1 6 DG  A 4 ? DG  A 4  . ? 7_555  ? 
3  AC1 6 DG  A 5 ? DG  A 5  . ? 5_554  ? 
4  AC1 6 DG  A 5 ? DG  A 5  . ? 7_555  ? 
5  AC1 6 DC  A 6 ? DC  A 6  . ? 7_555  ? 
6  AC1 6 DC  A 6 ? DC  A 6  . ? 5_554  ? 
7  AC2 5 DC  A 2 ? DC  A 2  . ? 7_555  ? 
8  AC2 5 DC  A 3 ? DC  A 3  . ? 5_554  ? 
9  AC2 5 DG  A 8 ? DG  A 8  . ? 11_545 ? 
10 AC2 5 DG  A 9 ? DG  A 9  . ? 11_545 ? 
11 AC2 5 HOH E . ? HOH A 67 . ? 1_555  ? 
12 AC3 4 DG  A 8 ? DG  A 8  . ? 3_564  ? 
13 AC3 4 DG  A 9 ? DG  A 9  . ? 3_564  ? 
14 AC3 4 HOH E . ? HOH A 53 . ? 1_555  ? 
15 AC3 4 HOH E . ? HOH A 66 . ? 1_555  ? 
# 
loop_
_pdbx_validate_close_contact.id 
_pdbx_validate_close_contact.PDB_model_num 
_pdbx_validate_close_contact.auth_atom_id_1 
_pdbx_validate_close_contact.auth_asym_id_1 
_pdbx_validate_close_contact.auth_comp_id_1 
_pdbx_validate_close_contact.auth_seq_id_1 
_pdbx_validate_close_contact.PDB_ins_code_1 
_pdbx_validate_close_contact.label_alt_id_1 
_pdbx_validate_close_contact.auth_atom_id_2 
_pdbx_validate_close_contact.auth_asym_id_2 
_pdbx_validate_close_contact.auth_comp_id_2 
_pdbx_validate_close_contact.auth_seq_id_2 
_pdbx_validate_close_contact.PDB_ins_code_2 
_pdbx_validate_close_contact.label_alt_id_2 
_pdbx_validate_close_contact.dist 
1 1 "C2'" A DC  7  ? ? O A HOH 18 ? ? 0.82 
2 1 "C1'" A DC  7  ? ? O A HOH 18 ? ? 0.89 
3 1 O     A HOH 46 ? ? O A HOH 47 ? ? 1.29 
4 1 "O4'" A DC  7  ? ? O A HOH 18 ? ? 1.78 
5 1 "C3'" A DC  7  ? ? O A HOH 18 ? ? 1.89 
6 1 "C4'" A DC  7  ? ? O A HOH 18 ? ? 2.06 
# 
loop_
_pdbx_validate_symm_contact.id 
_pdbx_validate_symm_contact.PDB_model_num 
_pdbx_validate_symm_contact.auth_atom_id_1 
_pdbx_validate_symm_contact.auth_asym_id_1 
_pdbx_validate_symm_contact.auth_comp_id_1 
_pdbx_validate_symm_contact.auth_seq_id_1 
_pdbx_validate_symm_contact.PDB_ins_code_1 
_pdbx_validate_symm_contact.label_alt_id_1 
_pdbx_validate_symm_contact.site_symmetry_1 
_pdbx_validate_symm_contact.auth_atom_id_2 
_pdbx_validate_symm_contact.auth_asym_id_2 
_pdbx_validate_symm_contact.auth_comp_id_2 
_pdbx_validate_symm_contact.auth_seq_id_2 
_pdbx_validate_symm_contact.PDB_ins_code_2 
_pdbx_validate_symm_contact.label_alt_id_2 
_pdbx_validate_symm_contact.site_symmetry_2 
_pdbx_validate_symm_contact.dist 
1 1 O  A HOH 56 ? ? 1_555 O  A HOH 56 ? ? 8_555 1.50 
2 1 O6 A DG  4  ? ? 1_555 N6 A NCO 11 ? ? 6_555 2.15 
# 
loop_
_pdbx_validate_rmsd_bond.id 
_pdbx_validate_rmsd_bond.PDB_model_num 
_pdbx_validate_rmsd_bond.auth_atom_id_1 
_pdbx_validate_rmsd_bond.auth_asym_id_1 
_pdbx_validate_rmsd_bond.auth_comp_id_1 
_pdbx_validate_rmsd_bond.auth_seq_id_1 
_pdbx_validate_rmsd_bond.PDB_ins_code_1 
_pdbx_validate_rmsd_bond.label_alt_id_1 
_pdbx_validate_rmsd_bond.auth_atom_id_2 
_pdbx_validate_rmsd_bond.auth_asym_id_2 
_pdbx_validate_rmsd_bond.auth_comp_id_2 
_pdbx_validate_rmsd_bond.auth_seq_id_2 
_pdbx_validate_rmsd_bond.PDB_ins_code_2 
_pdbx_validate_rmsd_bond.label_alt_id_2 
_pdbx_validate_rmsd_bond.bond_value 
_pdbx_validate_rmsd_bond.bond_target_value 
_pdbx_validate_rmsd_bond.bond_deviation 
_pdbx_validate_rmsd_bond.bond_standard_deviation 
_pdbx_validate_rmsd_bond.linker_flag 
1  1 P     A DC 2  ? ? "O5'" A DC 2  ? ? 1.503 1.593 -0.090 0.010 N 
2  1 P     A DC 3  ? ? "O5'" A DC 3  ? ? 1.529 1.593 -0.064 0.010 N 
3  1 "C2'" A DC 3  ? ? "C1'" A DC 3  ? ? 1.457 1.518 -0.061 0.010 N 
4  1 "O4'" A DC 3  ? ? "C4'" A DC 3  ? ? 1.382 1.446 -0.064 0.010 N 
5  1 C6    A DG 4  ? ? N1    A DG 4  ? ? 1.341 1.391 -0.050 0.007 N 
6  1 C8    A DG 4  ? ? N9    A DG 4  ? ? 1.331 1.374 -0.043 0.007 N 
7  1 C5    A DG 5  ? ? N7    A DG 5  ? ? 1.431 1.388 0.043  0.006 N 
8  1 "O3'" A DG 8  ? ? "C3'" A DG 8  ? ? 1.382 1.419 -0.037 0.006 N 
9  1 N7    A DG 8  ? ? C8    A DG 8  ? ? 1.352 1.305 0.047  0.006 N 
10 1 C4    A DT 10 ? ? O4    A DT 10 ? ? 1.294 1.228 0.066  0.009 N 
# 
loop_
_pdbx_validate_rmsd_angle.id 
_pdbx_validate_rmsd_angle.PDB_model_num 
_pdbx_validate_rmsd_angle.auth_atom_id_1 
_pdbx_validate_rmsd_angle.auth_asym_id_1 
_pdbx_validate_rmsd_angle.auth_comp_id_1 
_pdbx_validate_rmsd_angle.auth_seq_id_1 
_pdbx_validate_rmsd_angle.PDB_ins_code_1 
_pdbx_validate_rmsd_angle.label_alt_id_1 
_pdbx_validate_rmsd_angle.auth_atom_id_2 
_pdbx_validate_rmsd_angle.auth_asym_id_2 
_pdbx_validate_rmsd_angle.auth_comp_id_2 
_pdbx_validate_rmsd_angle.auth_seq_id_2 
_pdbx_validate_rmsd_angle.PDB_ins_code_2 
_pdbx_validate_rmsd_angle.label_alt_id_2 
_pdbx_validate_rmsd_angle.auth_atom_id_3 
_pdbx_validate_rmsd_angle.auth_asym_id_3 
_pdbx_validate_rmsd_angle.auth_comp_id_3 
_pdbx_validate_rmsd_angle.auth_seq_id_3 
_pdbx_validate_rmsd_angle.PDB_ins_code_3 
_pdbx_validate_rmsd_angle.label_alt_id_3 
_pdbx_validate_rmsd_angle.angle_value 
_pdbx_validate_rmsd_angle.angle_target_value 
_pdbx_validate_rmsd_angle.angle_deviation 
_pdbx_validate_rmsd_angle.angle_standard_deviation 
_pdbx_validate_rmsd_angle.linker_flag 
1  1 "O5'" A DA 1  ? ? "C5'" A DA 1  ? ? "C4'" A DA 1  ? ? 102.96 109.40 -6.44  0.80 N 
2  1 N1    A DA 1  ? ? C2    A DA 1  ? ? N3    A DA 1  ? ? 124.10 129.30 -5.20  0.50 N 
3  1 C2    A DA 1  ? ? N3    A DA 1  ? ? C4    A DA 1  ? ? 113.61 110.60 3.01   0.50 N 
4  1 "O5'" A DC 2  ? ? P     A DC 2  ? ? OP2   A DC 2  ? ? 122.64 110.70 11.94  1.20 N 
5  1 OP1   A DC 3  ? ? P     A DC 3  ? ? OP2   A DC 3  ? ? 108.44 119.60 -11.16 1.50 N 
6  1 "O5'" A DC 3  ? ? P     A DC 3  ? ? OP2   A DC 3  ? ? 130.99 110.70 20.29  1.20 N 
7  1 "O5'" A DC 3  ? ? "C5'" A DC 3  ? ? "C4'" A DC 3  ? ? 103.17 109.40 -6.23  0.80 N 
8  1 "O4'" A DC 3  ? ? "C4'" A DC 3  ? ? "C3'" A DC 3  ? ? 101.07 104.50 -3.43  0.40 N 
9  1 N3    A DC 3  ? ? C4    A DC 3  ? ? C5    A DC 3  ? ? 118.60 121.90 -3.30  0.40 N 
10 1 N3    A DC 3  ? ? C4    A DC 3  ? ? N4    A DC 3  ? ? 122.37 118.00 4.37   0.70 N 
11 1 "O3'" A DC 3  ? ? P     A DG 4  ? ? "O5'" A DG 4  ? ? 119.04 104.00 15.04  1.90 Y 
12 1 "O5'" A DG 4  ? ? "C5'" A DG 4  ? ? "C4'" A DG 4  ? ? 103.83 109.40 -5.57  0.80 N 
13 1 P     A DG 4  ? ? "O5'" A DG 4  ? ? "C5'" A DG 4  ? ? 104.47 120.90 -16.43 1.60 N 
14 1 "O4'" A DG 4  ? ? "C1'" A DG 4  ? ? N9    A DG 4  ? ? 114.83 108.30 6.53   0.30 N 
15 1 N1    A DG 4  ? ? C6    A DG 4  ? ? O6    A DG 4  ? ? 114.65 119.90 -5.25  0.60 N 
16 1 "C3'" A DG 4  ? ? "O3'" A DG 4  ? ? P     A DG 5  ? ? 129.51 119.70 9.81   1.20 Y 
17 1 OP1   A DG 5  ? ? P     A DG 5  ? ? OP2   A DG 5  ? ? 105.44 119.60 -14.16 1.50 N 
18 1 "O5'" A DG 5  ? ? P     A DG 5  ? ? OP2   A DG 5  ? ? 124.74 110.70 14.04  1.20 N 
19 1 P     A DG 5  ? ? "O5'" A DG 5  ? ? "C5'" A DG 5  ? ? 110.14 120.90 -10.76 1.60 N 
20 1 "O4'" A DG 5  ? ? "C1'" A DG 5  ? ? "C2'" A DG 5  ? ? 109.82 106.80 3.02   0.50 N 
21 1 N1    A DG 5  ? ? C6    A DG 5  ? ? O6    A DG 5  ? ? 124.69 119.90 4.79   0.60 N 
22 1 C5    A DG 5  ? ? C6    A DG 5  ? ? O6    A DG 5  ? ? 122.56 128.60 -6.04  0.60 N 
23 1 "C3'" A DG 5  ? ? "O3'" A DG 5  ? ? P     A DC 6  ? ? 110.59 119.70 -9.11  1.20 Y 
24 1 OP1   A DC 6  ? ? P     A DC 6  ? ? OP2   A DC 6  ? ? 107.51 119.60 -12.09 1.50 N 
25 1 "O5'" A DC 6  ? ? P     A DC 6  ? ? OP1   A DC 6  ? ? 119.78 110.70 9.08   1.20 N 
26 1 "O4'" A DC 6  ? ? "C4'" A DC 6  ? ? "C3'" A DC 6  ? ? 100.56 104.50 -3.94  0.40 N 
27 1 "C4'" A DC 6  ? ? "C3'" A DC 6  ? ? "C2'" A DC 6  ? ? 97.82  102.20 -4.38  0.70 N 
28 1 "C3'" A DC 6  ? ? "O3'" A DC 6  ? ? P     A DC 7  ? ? 133.61 119.70 13.91  1.20 Y 
29 1 "O3'" A DC 6  ? ? P     A DC 7  ? ? OP1   A DC 7  ? ? 118.47 110.50 7.97   1.10 Y 
30 1 "O5'" A DC 7  ? ? "C5'" A DC 7  ? ? "C4'" A DC 7  ? ? 102.55 109.40 -6.85  0.80 N 
31 1 "O4'" A DC 7  ? ? "C4'" A DC 7  ? ? "C3'" A DC 7  ? ? 101.78 104.50 -2.72  0.40 N 
32 1 C2    A DC 7  ? ? N3    A DC 7  ? ? C4    A DC 7  ? ? 123.02 119.90 3.12   0.50 N 
33 1 C5    A DC 7  ? ? C4    A DC 7  ? ? N4    A DC 7  ? ? 124.40 120.20 4.20   0.70 N 
34 1 "C3'" A DC 7  ? ? "O3'" A DC 7  ? ? P     A DG 8  ? ? 135.21 119.70 15.51  1.20 Y 
35 1 "O4'" A DG 8  ? ? "C4'" A DG 8  ? ? "C3'" A DG 8  ? ? 98.96  104.50 -5.54  0.40 N 
36 1 "C4'" A DG 8  ? ? "C3'" A DG 8  ? ? "C2'" A DG 8  ? ? 97.94  102.20 -4.26  0.70 N 
37 1 "C3'" A DG 8  ? ? "C2'" A DG 8  ? ? "C1'" A DG 8  ? ? 96.79  102.40 -5.61  0.80 N 
38 1 "C3'" A DG 8  ? ? "O3'" A DG 8  ? ? P     A DG 9  ? ? 127.19 119.70 7.49   1.20 Y 
39 1 "O3'" A DG 8  ? ? P     A DG 9  ? ? "O5'" A DG 9  ? ? 90.10  104.00 -13.90 1.90 Y 
40 1 "O5'" A DG 9  ? ? P     A DG 9  ? ? OP1   A DG 9  ? ? 119.09 110.70 8.39   1.20 N 
41 1 C6    A DG 9  ? ? N1    A DG 9  ? ? C2    A DG 9  ? ? 120.42 125.10 -4.68  0.60 N 
42 1 C5    A DG 9  ? ? C6    A DG 9  ? ? N1    A DG 9  ? ? 114.78 111.50 3.28   0.50 N 
43 1 N3    A DG 9  ? ? C2    A DG 9  ? ? N2    A DG 9  ? ? 113.68 119.90 -6.22  0.70 N 
44 1 OP1   A DT 10 ? ? P     A DT 10 ? ? OP2   A DT 10 ? ? 130.46 119.60 10.86  1.50 N 
45 1 "O5'" A DT 10 ? ? "C5'" A DT 10 ? ? "C4'" A DT 10 ? ? 103.58 109.40 -5.82  0.80 N 
# 
loop_
_chem_comp_atom.comp_id 
_chem_comp_atom.atom_id 
_chem_comp_atom.type_symbol 
_chem_comp_atom.pdbx_aromatic_flag 
_chem_comp_atom.pdbx_stereo_config 
_chem_comp_atom.pdbx_ordinal 
DA  OP3    O  N N 1   
DA  P      P  N N 2   
DA  OP1    O  N N 3   
DA  OP2    O  N N 4   
DA  "O5'"  O  N N 5   
DA  "C5'"  C  N N 6   
DA  "C4'"  C  N R 7   
DA  "O4'"  O  N N 8   
DA  "C3'"  C  N S 9   
DA  "O3'"  O  N N 10  
DA  "C2'"  C  N N 11  
DA  "C1'"  C  N R 12  
DA  N9     N  Y N 13  
DA  C8     C  Y N 14  
DA  N7     N  Y N 15  
DA  C5     C  Y N 16  
DA  C6     C  Y N 17  
DA  N6     N  N N 18  
DA  N1     N  Y N 19  
DA  C2     C  Y N 20  
DA  N3     N  Y N 21  
DA  C4     C  Y N 22  
DA  HOP3   H  N N 23  
DA  HOP2   H  N N 24  
DA  "H5'"  H  N N 25  
DA  "H5''" H  N N 26  
DA  "H4'"  H  N N 27  
DA  "H3'"  H  N N 28  
DA  "HO3'" H  N N 29  
DA  "H2'"  H  N N 30  
DA  "H2''" H  N N 31  
DA  "H1'"  H  N N 32  
DA  H8     H  N N 33  
DA  H61    H  N N 34  
DA  H62    H  N N 35  
DA  H2     H  N N 36  
DC  OP3    O  N N 37  
DC  P      P  N N 38  
DC  OP1    O  N N 39  
DC  OP2    O  N N 40  
DC  "O5'"  O  N N 41  
DC  "C5'"  C  N N 42  
DC  "C4'"  C  N R 43  
DC  "O4'"  O  N N 44  
DC  "C3'"  C  N S 45  
DC  "O3'"  O  N N 46  
DC  "C2'"  C  N N 47  
DC  "C1'"  C  N R 48  
DC  N1     N  N N 49  
DC  C2     C  N N 50  
DC  O2     O  N N 51  
DC  N3     N  N N 52  
DC  C4     C  N N 53  
DC  N4     N  N N 54  
DC  C5     C  N N 55  
DC  C6     C  N N 56  
DC  HOP3   H  N N 57  
DC  HOP2   H  N N 58  
DC  "H5'"  H  N N 59  
DC  "H5''" H  N N 60  
DC  "H4'"  H  N N 61  
DC  "H3'"  H  N N 62  
DC  "HO3'" H  N N 63  
DC  "H2'"  H  N N 64  
DC  "H2''" H  N N 65  
DC  "H1'"  H  N N 66  
DC  H41    H  N N 67  
DC  H42    H  N N 68  
DC  H5     H  N N 69  
DC  H6     H  N N 70  
DG  OP3    O  N N 71  
DG  P      P  N N 72  
DG  OP1    O  N N 73  
DG  OP2    O  N N 74  
DG  "O5'"  O  N N 75  
DG  "C5'"  C  N N 76  
DG  "C4'"  C  N R 77  
DG  "O4'"  O  N N 78  
DG  "C3'"  C  N S 79  
DG  "O3'"  O  N N 80  
DG  "C2'"  C  N N 81  
DG  "C1'"  C  N R 82  
DG  N9     N  Y N 83  
DG  C8     C  Y N 84  
DG  N7     N  Y N 85  
DG  C5     C  Y N 86  
DG  C6     C  N N 87  
DG  O6     O  N N 88  
DG  N1     N  N N 89  
DG  C2     C  N N 90  
DG  N2     N  N N 91  
DG  N3     N  N N 92  
DG  C4     C  Y N 93  
DG  HOP3   H  N N 94  
DG  HOP2   H  N N 95  
DG  "H5'"  H  N N 96  
DG  "H5''" H  N N 97  
DG  "H4'"  H  N N 98  
DG  "H3'"  H  N N 99  
DG  "HO3'" H  N N 100 
DG  "H2'"  H  N N 101 
DG  "H2''" H  N N 102 
DG  "H1'"  H  N N 103 
DG  H8     H  N N 104 
DG  H1     H  N N 105 
DG  H21    H  N N 106 
DG  H22    H  N N 107 
DT  OP3    O  N N 108 
DT  P      P  N N 109 
DT  OP1    O  N N 110 
DT  OP2    O  N N 111 
DT  "O5'"  O  N N 112 
DT  "C5'"  C  N N 113 
DT  "C4'"  C  N R 114 
DT  "O4'"  O  N N 115 
DT  "C3'"  C  N S 116 
DT  "O3'"  O  N N 117 
DT  "C2'"  C  N N 118 
DT  "C1'"  C  N R 119 
DT  N1     N  N N 120 
DT  C2     C  N N 121 
DT  O2     O  N N 122 
DT  N3     N  N N 123 
DT  C4     C  N N 124 
DT  O4     O  N N 125 
DT  C5     C  N N 126 
DT  C7     C  N N 127 
DT  C6     C  N N 128 
DT  HOP3   H  N N 129 
DT  HOP2   H  N N 130 
DT  "H5'"  H  N N 131 
DT  "H5''" H  N N 132 
DT  "H4'"  H  N N 133 
DT  "H3'"  H  N N 134 
DT  "HO3'" H  N N 135 
DT  "H2'"  H  N N 136 
DT  "H2''" H  N N 137 
DT  "H1'"  H  N N 138 
DT  H3     H  N N 139 
DT  H71    H  N N 140 
DT  H72    H  N N 141 
DT  H73    H  N N 142 
DT  H6     H  N N 143 
HOH O      O  N N 144 
HOH H1     H  N N 145 
HOH H2     H  N N 146 
NCO CO     CO N N 147 
NCO N1     N  N N 148 
NCO N2     N  N N 149 
NCO N3     N  N N 150 
NCO N4     N  N N 151 
NCO N5     N  N N 152 
NCO N6     N  N N 153 
NCO HN11   H  N N 154 
NCO HN12   H  N N 155 
NCO HN13   H  N N 156 
NCO HN21   H  N N 157 
NCO HN22   H  N N 158 
NCO HN23   H  N N 159 
NCO HN31   H  N N 160 
NCO HN32   H  N N 161 
NCO HN33   H  N N 162 
NCO HN41   H  N N 163 
NCO HN42   H  N N 164 
NCO HN43   H  N N 165 
NCO HN51   H  N N 166 
NCO HN52   H  N N 167 
NCO HN53   H  N N 168 
NCO HN61   H  N N 169 
NCO HN62   H  N N 170 
NCO HN63   H  N N 171 
# 
loop_
_chem_comp_bond.comp_id 
_chem_comp_bond.atom_id_1 
_chem_comp_bond.atom_id_2 
_chem_comp_bond.value_order 
_chem_comp_bond.pdbx_aromatic_flag 
_chem_comp_bond.pdbx_stereo_config 
_chem_comp_bond.pdbx_ordinal 
DA  OP3   P      sing N N 1   
DA  OP3   HOP3   sing N N 2   
DA  P     OP1    doub N N 3   
DA  P     OP2    sing N N 4   
DA  P     "O5'"  sing N N 5   
DA  OP2   HOP2   sing N N 6   
DA  "O5'" "C5'"  sing N N 7   
DA  "C5'" "C4'"  sing N N 8   
DA  "C5'" "H5'"  sing N N 9   
DA  "C5'" "H5''" sing N N 10  
DA  "C4'" "O4'"  sing N N 11  
DA  "C4'" "C3'"  sing N N 12  
DA  "C4'" "H4'"  sing N N 13  
DA  "O4'" "C1'"  sing N N 14  
DA  "C3'" "O3'"  sing N N 15  
DA  "C3'" "C2'"  sing N N 16  
DA  "C3'" "H3'"  sing N N 17  
DA  "O3'" "HO3'" sing N N 18  
DA  "C2'" "C1'"  sing N N 19  
DA  "C2'" "H2'"  sing N N 20  
DA  "C2'" "H2''" sing N N 21  
DA  "C1'" N9     sing N N 22  
DA  "C1'" "H1'"  sing N N 23  
DA  N9    C8     sing Y N 24  
DA  N9    C4     sing Y N 25  
DA  C8    N7     doub Y N 26  
DA  C8    H8     sing N N 27  
DA  N7    C5     sing Y N 28  
DA  C5    C6     sing Y N 29  
DA  C5    C4     doub Y N 30  
DA  C6    N6     sing N N 31  
DA  C6    N1     doub Y N 32  
DA  N6    H61    sing N N 33  
DA  N6    H62    sing N N 34  
DA  N1    C2     sing Y N 35  
DA  C2    N3     doub Y N 36  
DA  C2    H2     sing N N 37  
DA  N3    C4     sing Y N 38  
DC  OP3   P      sing N N 39  
DC  OP3   HOP3   sing N N 40  
DC  P     OP1    doub N N 41  
DC  P     OP2    sing N N 42  
DC  P     "O5'"  sing N N 43  
DC  OP2   HOP2   sing N N 44  
DC  "O5'" "C5'"  sing N N 45  
DC  "C5'" "C4'"  sing N N 46  
DC  "C5'" "H5'"  sing N N 47  
DC  "C5'" "H5''" sing N N 48  
DC  "C4'" "O4'"  sing N N 49  
DC  "C4'" "C3'"  sing N N 50  
DC  "C4'" "H4'"  sing N N 51  
DC  "O4'" "C1'"  sing N N 52  
DC  "C3'" "O3'"  sing N N 53  
DC  "C3'" "C2'"  sing N N 54  
DC  "C3'" "H3'"  sing N N 55  
DC  "O3'" "HO3'" sing N N 56  
DC  "C2'" "C1'"  sing N N 57  
DC  "C2'" "H2'"  sing N N 58  
DC  "C2'" "H2''" sing N N 59  
DC  "C1'" N1     sing N N 60  
DC  "C1'" "H1'"  sing N N 61  
DC  N1    C2     sing N N 62  
DC  N1    C6     sing N N 63  
DC  C2    O2     doub N N 64  
DC  C2    N3     sing N N 65  
DC  N3    C4     doub N N 66  
DC  C4    N4     sing N N 67  
DC  C4    C5     sing N N 68  
DC  N4    H41    sing N N 69  
DC  N4    H42    sing N N 70  
DC  C5    C6     doub N N 71  
DC  C5    H5     sing N N 72  
DC  C6    H6     sing N N 73  
DG  OP3   P      sing N N 74  
DG  OP3   HOP3   sing N N 75  
DG  P     OP1    doub N N 76  
DG  P     OP2    sing N N 77  
DG  P     "O5'"  sing N N 78  
DG  OP2   HOP2   sing N N 79  
DG  "O5'" "C5'"  sing N N 80  
DG  "C5'" "C4'"  sing N N 81  
DG  "C5'" "H5'"  sing N N 82  
DG  "C5'" "H5''" sing N N 83  
DG  "C4'" "O4'"  sing N N 84  
DG  "C4'" "C3'"  sing N N 85  
DG  "C4'" "H4'"  sing N N 86  
DG  "O4'" "C1'"  sing N N 87  
DG  "C3'" "O3'"  sing N N 88  
DG  "C3'" "C2'"  sing N N 89  
DG  "C3'" "H3'"  sing N N 90  
DG  "O3'" "HO3'" sing N N 91  
DG  "C2'" "C1'"  sing N N 92  
DG  "C2'" "H2'"  sing N N 93  
DG  "C2'" "H2''" sing N N 94  
DG  "C1'" N9     sing N N 95  
DG  "C1'" "H1'"  sing N N 96  
DG  N9    C8     sing Y N 97  
DG  N9    C4     sing Y N 98  
DG  C8    N7     doub Y N 99  
DG  C8    H8     sing N N 100 
DG  N7    C5     sing Y N 101 
DG  C5    C6     sing N N 102 
DG  C5    C4     doub Y N 103 
DG  C6    O6     doub N N 104 
DG  C6    N1     sing N N 105 
DG  N1    C2     sing N N 106 
DG  N1    H1     sing N N 107 
DG  C2    N2     sing N N 108 
DG  C2    N3     doub N N 109 
DG  N2    H21    sing N N 110 
DG  N2    H22    sing N N 111 
DG  N3    C4     sing N N 112 
DT  OP3   P      sing N N 113 
DT  OP3   HOP3   sing N N 114 
DT  P     OP1    doub N N 115 
DT  P     OP2    sing N N 116 
DT  P     "O5'"  sing N N 117 
DT  OP2   HOP2   sing N N 118 
DT  "O5'" "C5'"  sing N N 119 
DT  "C5'" "C4'"  sing N N 120 
DT  "C5'" "H5'"  sing N N 121 
DT  "C5'" "H5''" sing N N 122 
DT  "C4'" "O4'"  sing N N 123 
DT  "C4'" "C3'"  sing N N 124 
DT  "C4'" "H4'"  sing N N 125 
DT  "O4'" "C1'"  sing N N 126 
DT  "C3'" "O3'"  sing N N 127 
DT  "C3'" "C2'"  sing N N 128 
DT  "C3'" "H3'"  sing N N 129 
DT  "O3'" "HO3'" sing N N 130 
DT  "C2'" "C1'"  sing N N 131 
DT  "C2'" "H2'"  sing N N 132 
DT  "C2'" "H2''" sing N N 133 
DT  "C1'" N1     sing N N 134 
DT  "C1'" "H1'"  sing N N 135 
DT  N1    C2     sing N N 136 
DT  N1    C6     sing N N 137 
DT  C2    O2     doub N N 138 
DT  C2    N3     sing N N 139 
DT  N3    C4     sing N N 140 
DT  N3    H3     sing N N 141 
DT  C4    O4     doub N N 142 
DT  C4    C5     sing N N 143 
DT  C5    C7     sing N N 144 
DT  C5    C6     doub N N 145 
DT  C7    H71    sing N N 146 
DT  C7    H72    sing N N 147 
DT  C7    H73    sing N N 148 
DT  C6    H6     sing N N 149 
HOH O     H1     sing N N 150 
HOH O     H2     sing N N 151 
NCO CO    N1     sing N N 152 
NCO CO    N2     sing N N 153 
NCO CO    N3     sing N N 154 
NCO CO    N4     sing N N 155 
NCO CO    N5     sing N N 156 
NCO CO    N6     sing N N 157 
NCO N1    HN11   sing N N 158 
NCO N1    HN12   sing N N 159 
NCO N1    HN13   sing N N 160 
NCO N2    HN21   sing N N 161 
NCO N2    HN22   sing N N 162 
NCO N2    HN23   sing N N 163 
NCO N3    HN31   sing N N 164 
NCO N3    HN32   sing N N 165 
NCO N3    HN33   sing N N 166 
NCO N4    HN41   sing N N 167 
NCO N4    HN42   sing N N 168 
NCO N4    HN43   sing N N 169 
NCO N5    HN51   sing N N 170 
NCO N5    HN52   sing N N 171 
NCO N5    HN53   sing N N 172 
NCO N6    HN61   sing N N 173 
NCO N6    HN62   sing N N 174 
NCO N6    HN63   sing N N 175 
# 
_ndb_struct_conf_na.entry_id   212D 
_ndb_struct_conf_na.feature    'a-form double helix' 
# 
loop_
_ndb_struct_na_base_pair.model_number 
_ndb_struct_na_base_pair.i_label_asym_id 
_ndb_struct_na_base_pair.i_label_comp_id 
_ndb_struct_na_base_pair.i_label_seq_id 
_ndb_struct_na_base_pair.i_symmetry 
_ndb_struct_na_base_pair.j_label_asym_id 
_ndb_struct_na_base_pair.j_label_comp_id 
_ndb_struct_na_base_pair.j_label_seq_id 
_ndb_struct_na_base_pair.j_symmetry 
_ndb_struct_na_base_pair.shear 
_ndb_struct_na_base_pair.stretch 
_ndb_struct_na_base_pair.stagger 
_ndb_struct_na_base_pair.buckle 
_ndb_struct_na_base_pair.propeller 
_ndb_struct_na_base_pair.opening 
_ndb_struct_na_base_pair.pair_number 
_ndb_struct_na_base_pair.pair_name 
_ndb_struct_na_base_pair.i_auth_asym_id 
_ndb_struct_na_base_pair.i_auth_seq_id 
_ndb_struct_na_base_pair.i_PDB_ins_code 
_ndb_struct_na_base_pair.j_auth_asym_id 
_ndb_struct_na_base_pair.j_auth_seq_id 
_ndb_struct_na_base_pair.j_PDB_ins_code 
_ndb_struct_na_base_pair.hbond_type_28 
_ndb_struct_na_base_pair.hbond_type_12 
1 A DA 1  1_555 A DT 10 11_555 -0.403 -0.198 -0.243 -4.981  -7.289  0.861  1  A_DA1:DT10_A A 1  ? A 10 ? 20 1 
1 A DC 2  1_555 A DG 9  11_555 0.021  -0.141 -0.367 12.763  -19.028 3.337  2  A_DC2:DG9_A  A 2  ? A 9  ? 19 1 
1 A DC 3  1_555 A DG 8  11_555 0.130  -0.179 0.144  2.713   -13.868 -6.346 3  A_DC3:DG8_A  A 3  ? A 8  ? 19 1 
1 A DG 4  1_555 A DC 7  11_555 0.310  -0.137 0.613  9.674   -17.029 1.201  4  A_DG4:DC7_A  A 4  ? A 7  ? 19 1 
1 A DG 5  1_555 A DC 6  11_555 -0.238 -0.320 0.024  0.915   -23.911 -3.141 5  A_DG5:DC6_A  A 5  ? A 6  ? 19 1 
1 A DC 6  1_555 A DG 5  11_555 0.238  -0.320 0.024  -0.915  -23.911 -3.140 6  A_DC6:DG5_A  A 6  ? A 5  ? 19 1 
1 A DC 7  1_555 A DG 4  11_555 -0.310 -0.137 0.613  -9.674  -17.029 1.201  7  A_DC7:DG4_A  A 7  ? A 4  ? 19 1 
1 A DG 8  1_555 A DC 3  11_555 -0.130 -0.179 0.144  -2.713  -13.868 -6.346 8  A_DG8:DC3_A  A 8  ? A 3  ? 19 1 
1 A DG 9  1_555 A DC 2  11_555 -0.021 -0.141 -0.367 -12.762 -19.027 3.337  9  A_DG9:DC2_A  A 9  ? A 2  ? 19 1 
1 A DT 10 1_555 A DA 1  11_555 0.403  -0.198 -0.243 4.981   -7.289  0.861  10 A_DT10:DA1_A A 10 ? A 1  ? 20 1 
# 
loop_
_ndb_struct_na_base_pair_step.model_number 
_ndb_struct_na_base_pair_step.i_label_asym_id_1 
_ndb_struct_na_base_pair_step.i_label_comp_id_1 
_ndb_struct_na_base_pair_step.i_label_seq_id_1 
_ndb_struct_na_base_pair_step.i_symmetry_1 
_ndb_struct_na_base_pair_step.j_label_asym_id_1 
_ndb_struct_na_base_pair_step.j_label_comp_id_1 
_ndb_struct_na_base_pair_step.j_label_seq_id_1 
_ndb_struct_na_base_pair_step.j_symmetry_1 
_ndb_struct_na_base_pair_step.i_label_asym_id_2 
_ndb_struct_na_base_pair_step.i_label_comp_id_2 
_ndb_struct_na_base_pair_step.i_label_seq_id_2 
_ndb_struct_na_base_pair_step.i_symmetry_2 
_ndb_struct_na_base_pair_step.j_label_asym_id_2 
_ndb_struct_na_base_pair_step.j_label_comp_id_2 
_ndb_struct_na_base_pair_step.j_label_seq_id_2 
_ndb_struct_na_base_pair_step.j_symmetry_2 
_ndb_struct_na_base_pair_step.shift 
_ndb_struct_na_base_pair_step.slide 
_ndb_struct_na_base_pair_step.rise 
_ndb_struct_na_base_pair_step.tilt 
_ndb_struct_na_base_pair_step.roll 
_ndb_struct_na_base_pair_step.twist 
_ndb_struct_na_base_pair_step.x_displacement 
_ndb_struct_na_base_pair_step.y_displacement 
_ndb_struct_na_base_pair_step.helical_rise 
_ndb_struct_na_base_pair_step.inclination 
_ndb_struct_na_base_pair_step.tip 
_ndb_struct_na_base_pair_step.helical_twist 
_ndb_struct_na_base_pair_step.step_number 
_ndb_struct_na_base_pair_step.step_name 
_ndb_struct_na_base_pair_step.i_auth_asym_id_1 
_ndb_struct_na_base_pair_step.i_auth_seq_id_1 
_ndb_struct_na_base_pair_step.i_PDB_ins_code_1 
_ndb_struct_na_base_pair_step.j_auth_asym_id_1 
_ndb_struct_na_base_pair_step.j_auth_seq_id_1 
_ndb_struct_na_base_pair_step.j_PDB_ins_code_1 
_ndb_struct_na_base_pair_step.i_auth_asym_id_2 
_ndb_struct_na_base_pair_step.i_auth_seq_id_2 
_ndb_struct_na_base_pair_step.i_PDB_ins_code_2 
_ndb_struct_na_base_pair_step.j_auth_asym_id_2 
_ndb_struct_na_base_pair_step.j_auth_seq_id_2 
_ndb_struct_na_base_pair_step.j_PDB_ins_code_2 
1 A DA 1 1_555 A DT 10 11_555 A DC 2  1_555 A DG 9 11_555 0.433  -0.939 2.974 0.051  5.244  33.041 -2.400 -0.745 2.797 9.148  
-0.090  33.443 1 AA_DA1DC2:DG9DT10_AA A 1 ? A 10 ? A 2  ? A 9 ? 
1 A DC 2 1_555 A DG 9  11_555 A DC 3  1_555 A DG 8 11_555 -0.499 -1.720 3.683 -7.795 10.304 32.364 -4.556 -0.436 3.047 17.635 
13.340  34.784 2 AA_DC2DC3:DG8DG9_AA  A 2 ? A 9  ? A 3  ? A 8 ? 
1 A DC 3 1_555 A DG 8  11_555 A DG 4  1_555 A DC 7 11_555 0.012  -1.550 3.070 -3.663 6.515  29.457 -4.121 -0.677 2.653 12.559 
7.061   30.370 3 AA_DC3DG4:DC7DG8_AA  A 3 ? A 8  ? A 4  ? A 7 ? 
1 A DG 4 1_555 A DC 7  11_555 A DG 5  1_555 A DC 6 11_555 -0.947 -1.154 3.396 1.217  8.157  33.303 -3.231 1.797  3.003 13.968 
-2.084  34.281 4 AA_DG4DG5:DC6DC7_AA  A 4 ? A 7  ? A 5  ? A 6 ? 
1 A DG 5 1_555 A DC 6  11_555 A DC 6  1_555 A DG 5 11_555 0.000  -1.527 3.310 0.000  9.999  33.798 -3.937 0.000  2.761 16.748 
0.000   35.204 5 AA_DG5DC6:DG5DC6_AA  A 5 ? A 6  ? A 6  ? A 5 ? 
1 A DC 6 1_555 A DG 5  11_555 A DC 7  1_555 A DG 4 11_555 0.947  -1.154 3.396 -1.217 8.157  33.303 -3.231 -1.797 3.003 13.968 
2.084   34.281 6 AA_DC6DC7:DG4DG5_AA  A 6 ? A 5  ? A 7  ? A 4 ? 
1 A DC 7 1_555 A DG 4  11_555 A DG 8  1_555 A DC 3 11_555 -0.012 -1.550 3.070 3.663  6.515  29.457 -4.121 0.677  2.653 12.559 
-7.061  30.370 7 AA_DC7DG8:DC3DG4_AA  A 7 ? A 4  ? A 8  ? A 3 ? 
1 A DG 8 1_555 A DC 3  11_555 A DG 9  1_555 A DC 2 11_555 0.499  -1.720 3.683 7.795  10.304 32.364 -4.556 0.436  3.047 17.634 
-13.340 34.784 8 AA_DG8DG9:DC2DC3_AA  A 8 ? A 3  ? A 9  ? A 2 ? 
1 A DG 9 1_555 A DC 2  11_555 A DT 10 1_555 A DA 1 11_555 -0.433 -0.939 2.974 -0.051 5.244  33.041 -2.400 0.745  2.797 9.148  
0.090   33.443 9 AA_DG9DT10:DA1DC2_AA A 9 ? A 2  ? A 10 ? A 1 ? 
# 
_atom_sites.entry_id                    212D 
_atom_sites.fract_transf_matrix[1][1]   -0.02621679 
_atom_sites.fract_transf_matrix[1][2]   -0.00709221 
_atom_sites.fract_transf_matrix[1][3]   0.01161428 
_atom_sites.fract_transf_matrix[2][1]   -0.00465304 
_atom_sites.fract_transf_matrix[2][2]   0.00317378 
_atom_sites.fract_transf_matrix[2][3]   0.02899603 
_atom_sites.fract_transf_matrix[3][1]   -0.00413854 
_atom_sites.fract_transf_matrix[3][2]   0.01205075 
_atom_sites.fract_transf_matrix[3][3]   -0.00198314 
_atom_sites.fract_transf_vector[1]      0.483075 
_atom_sites.fract_transf_vector[2]      0.766341 
_atom_sites.fract_transf_vector[3]      0.218233 
# 
loop_
_atom_type.symbol 
C  
CO 
N  
O  
P  
# 
loop_
_atom_site.group_PDB 
_atom_site.id 
_atom_site.type_symbol 
_atom_site.label_atom_id 
_atom_site.label_alt_id 
_atom_site.label_comp_id 
_atom_site.label_asym_id 
_atom_site.label_entity_id 
_atom_site.label_seq_id 
_atom_site.pdbx_PDB_ins_code 
_atom_site.Cartn_x 
_atom_site.Cartn_y 
_atom_site.Cartn_z 
_atom_site.occupancy 
_atom_site.B_iso_or_equiv 
_atom_site.pdbx_formal_charge 
_atom_site.auth_seq_id 
_atom_site.auth_comp_id 
_atom_site.auth_asym_id 
_atom_site.auth_atom_id 
_atom_site.pdbx_PDB_model_num 
ATOM   1   O  "O5'" . DA  A 1 1  ? 14.110  3.328   -3.458  1.00 22.47 ? 1  DA  A "O5'" 1 
ATOM   2   C  "C5'" . DA  A 1 1  ? 14.703  3.129   -4.799  1.00 14.33 ? 1  DA  A "C5'" 1 
ATOM   3   C  "C4'" . DA  A 1 1  ? 13.982  1.892   -5.310  1.00 17.26 ? 1  DA  A "C4'" 1 
ATOM   4   O  "O4'" . DA  A 1 1  ? 14.708  0.793   -4.784  1.00 22.11 ? 1  DA  A "O4'" 1 
ATOM   5   C  "C3'" . DA  A 1 1  ? 12.550  1.688   -4.873  1.00 16.19 ? 1  DA  A "C3'" 1 
ATOM   6   O  "O3'" . DA  A 1 1  ? 11.526  2.249   -5.678  1.00 23.02 ? 1  DA  A "O3'" 1 
ATOM   7   C  "C2'" . DA  A 1 1  ? 12.437  0.149   -4.964  1.00 19.97 ? 1  DA  A "C2'" 1 
ATOM   8   C  "C1'" . DA  A 1 1  ? 13.769  -0.271  -4.446  1.00 22.33 ? 1  DA  A "C1'" 1 
ATOM   9   N  N9    . DA  A 1 1  ? 13.780  -0.452  -2.997  1.00 17.57 ? 1  DA  A N9    1 
ATOM   10  C  C8    . DA  A 1 1  ? 14.143  0.504   -2.084  1.00 16.84 ? 1  DA  A C8    1 
ATOM   11  N  N7    . DA  A 1 1  ? 14.096  0.057   -0.864  1.00 12.83 ? 1  DA  A N7    1 
ATOM   12  C  C5    . DA  A 1 1  ? 13.685  -1.243  -0.949  1.00 13.28 ? 1  DA  A C5    1 
ATOM   13  C  C6    . DA  A 1 1  ? 13.517  -2.235  0.029   1.00 15.79 ? 1  DA  A C6    1 
ATOM   14  N  N6    . DA  A 1 1  ? 13.721  -2.011  1.316   1.00 19.05 ? 1  DA  A N6    1 
ATOM   15  N  N1    . DA  A 1 1  ? 13.099  -3.463  -0.407  1.00 20.59 ? 1  DA  A N1    1 
ATOM   16  C  C2    . DA  A 1 1  ? 12.873  -3.699  -1.725  1.00 17.80 ? 1  DA  A C2    1 
ATOM   17  N  N3    . DA  A 1 1  ? 13.136  -2.802  -2.719  1.00 22.95 ? 1  DA  A N3    1 
ATOM   18  C  C4    . DA  A 1 1  ? 13.492  -1.593  -2.269  1.00 16.88 ? 1  DA  A C4    1 
ATOM   19  P  P     . DC  A 1 2  ? 9.942   2.356   -5.203  1.00 17.74 ? 2  DC  A P     1 
ATOM   20  O  OP1   . DC  A 1 2  ? 9.337   3.179   -6.256  1.00 17.97 ? 2  DC  A OP1   1 
ATOM   21  O  OP2   . DC  A 1 2  ? 10.158  3.099   -3.967  1.00 21.49 ? 2  DC  A OP2   1 
ATOM   22  O  "O5'" . DC  A 1 2  ? 9.264   1.015   -5.234  1.00 12.68 ? 2  DC  A "O5'" 1 
ATOM   23  C  "C5'" . DC  A 1 2  ? 9.669   -0.024  -6.093  1.00 20.06 ? 2  DC  A "C5'" 1 
ATOM   24  C  "C4'" . DC  A 1 2  ? 9.000   -1.297  -5.571  1.00 19.16 ? 2  DC  A "C4'" 1 
ATOM   25  O  "O4'" . DC  A 1 2  ? 9.943   -1.975  -4.746  1.00 13.35 ? 2  DC  A "O4'" 1 
ATOM   26  C  "C3'" . DC  A 1 2  ? 7.788   -1.079  -4.690  1.00 20.52 ? 2  DC  A "C3'" 1 
ATOM   27  O  "O3'" . DC  A 1 2  ? 6.625   -0.771  -5.438  1.00 18.94 ? 2  DC  A "O3'" 1 
ATOM   28  C  "C2'" . DC  A 1 2  ? 7.765   -2.429  -3.921  1.00 8.64  ? 2  DC  A "C2'" 1 
ATOM   29  C  "C1'" . DC  A 1 2  ? 9.193   -2.588  -3.627  1.00 16.01 ? 2  DC  A "C1'" 1 
ATOM   30  N  N1    . DC  A 1 2  ? 9.582   -1.898  -2.370  1.00 10.05 ? 2  DC  A N1    1 
ATOM   31  C  C2    . DC  A 1 2  ? 9.725   -2.700  -1.287  1.00 15.34 ? 2  DC  A C2    1 
ATOM   32  O  O2    . DC  A 1 2  ? 9.506   -3.915  -1.355  1.00 23.01 ? 2  DC  A O2    1 
ATOM   33  N  N3    . DC  A 1 2  ? 10.125  -2.131  -0.123  1.00 18.57 ? 2  DC  A N3    1 
ATOM   34  C  C4    . DC  A 1 2  ? 10.329  -0.788  -0.007  1.00 22.32 ? 2  DC  A C4    1 
ATOM   35  N  N4    . DC  A 1 2  ? 10.731  -0.344  1.199   1.00 16.54 ? 2  DC  A N4    1 
ATOM   36  C  C5    . DC  A 1 2  ? 10.188  0.049   -1.131  1.00 16.24 ? 2  DC  A C5    1 
ATOM   37  C  C6    . DC  A 1 2  ? 9.814   -0.554  -2.301  1.00 16.64 ? 2  DC  A C6    1 
ATOM   38  P  P     . DC  A 1 3  ? 5.221   -0.964  -4.686  1.00 15.13 ? 3  DC  A P     1 
ATOM   39  O  OP1   . DC  A 1 3  ? 4.167   -1.189  -5.817  1.00 16.79 ? 3  DC  A OP1   1 
ATOM   40  O  OP2   . DC  A 1 3  ? 4.937   0.323   -4.035  1.00 14.09 ? 3  DC  A OP2   1 
ATOM   41  O  "O5'" . DC  A 1 3  ? 5.324   -2.377  -4.112  1.00 15.85 ? 3  DC  A "O5'" 1 
ATOM   42  C  "C5'" . DC  A 1 3  ? 4.082   -3.187  -4.170  1.00 11.07 ? 3  DC  A "C5'" 1 
ATOM   43  C  "C4'" . DC  A 1 3  ? 4.174   -4.054  -2.920  1.00 13.32 ? 3  DC  A "C4'" 1 
ATOM   44  O  "O4'" . DC  A 1 3  ? 5.342   -3.835  -2.214  1.00 17.14 ? 3  DC  A "O4'" 1 
ATOM   45  C  "C3'" . DC  A 1 3  ? 3.134   -3.771  -1.855  1.00 17.11 ? 3  DC  A "C3'" 1 
ATOM   46  O  "O3'" . DC  A 1 3  ? 1.818   -4.203  -2.136  1.00 18.24 ? 3  DC  A "O3'" 1 
ATOM   47  C  "C2'" . DC  A 1 3  ? 3.763   -4.526  -0.647  1.00 13.87 ? 3  DC  A "C2'" 1 
ATOM   48  C  "C1'" . DC  A 1 3  ? 5.179   -4.221  -0.794  1.00 16.94 ? 3  DC  A "C1'" 1 
ATOM   49  N  N1    . DC  A 1 3  ? 5.693   -3.125  0.009   1.00 15.50 ? 3  DC  A N1    1 
ATOM   50  C  C2    . DC  A 1 3  ? 5.872   -3.292  1.387   1.00 14.70 ? 3  DC  A C2    1 
ATOM   51  O  O2    . DC  A 1 3  ? 5.458   -4.313  1.957   1.00 17.41 ? 3  DC  A O2    1 
ATOM   52  N  N3    . DC  A 1 3  ? 6.469   -2.278  2.073   1.00 14.26 ? 3  DC  A N3    1 
ATOM   53  C  C4    . DC  A 1 3  ? 6.865   -1.127  1.483   1.00 13.36 ? 3  DC  A C4    1 
ATOM   54  N  N4    . DC  A 1 3  ? 7.464   -0.145  2.161   1.00 19.25 ? 3  DC  A N4    1 
ATOM   55  C  C5    . DC  A 1 3  ? 6.728   -1.004  0.095   1.00 11.69 ? 3  DC  A C5    1 
ATOM   56  C  C6    . DC  A 1 3  ? 6.165   -1.996  -0.576  1.00 15.95 ? 3  DC  A C6    1 
ATOM   57  P  P     . DG  A 1 4  ? 0.627   -3.249  -1.670  1.00 17.00 ? 4  DG  A P     1 
ATOM   58  O  OP1   . DG  A 1 4  ? -0.387  -3.555  -2.671  1.00 20.58 ? 4  DG  A OP1   1 
ATOM   59  O  OP2   . DG  A 1 4  ? 1.404   -1.962  -1.831  1.00 9.56  ? 4  DG  A OP2   1 
ATOM   60  O  "O5'" . DG  A 1 4  ? 0.166   -3.266  -0.110  1.00 15.12 ? 4  DG  A "O5'" 1 
ATOM   61  C  "C5'" . DG  A 1 4  ? 0.203   -4.685  0.268   1.00 16.17 ? 4  DG  A "C5'" 1 
ATOM   62  C  "C4'" . DG  A 1 4  ? 0.145   -4.658  1.762   1.00 13.68 ? 4  DG  A "C4'" 1 
ATOM   63  O  "O4'" . DG  A 1 4  ? 1.444   -4.647  2.301   1.00 16.30 ? 4  DG  A "O4'" 1 
ATOM   64  C  "C3'" . DG  A 1 4  ? -0.528  -3.374  2.294   1.00 14.56 ? 4  DG  A "C3'" 1 
ATOM   65  O  "O3'" . DG  A 1 4  ? -1.955  -3.601  2.231   1.00 12.68 ? 4  DG  A "O3'" 1 
ATOM   66  C  "C2'" . DG  A 1 4  ? 0.094   -3.286  3.650   1.00 12.34 ? 4  DG  A "C2'" 1 
ATOM   67  C  "C1'" . DG  A 1 4  ? 1.521   -3.735  3.387   1.00 15.78 ? 4  DG  A "C1'" 1 
ATOM   68  N  N9    . DG  A 1 4  ? 2.319   -2.510  3.118   1.00 11.00 ? 4  DG  A N9    1 
ATOM   69  C  C8    . DG  A 1 4  ? 2.519   -1.756  2.040   1.00 15.32 ? 4  DG  A C8    1 
ATOM   70  N  N7    . DG  A 1 4  ? 3.267   -0.684  2.249   1.00 11.82 ? 4  DG  A N7    1 
ATOM   71  C  C5    . DG  A 1 4  ? 3.569   -0.748  3.605   1.00 8.25  ? 4  DG  A C5    1 
ATOM   72  C  C6    . DG  A 1 4  ? 4.258   0.115   4.483   1.00 10.01 ? 4  DG  A C6    1 
ATOM   73  O  O6    . DG  A 1 4  ? 4.895   1.161   4.272   1.00 18.33 ? 4  DG  A O6    1 
ATOM   74  N  N1    . DG  A 1 4  ? 4.196   -0.251  5.773   1.00 5.19  ? 4  DG  A N1    1 
ATOM   75  C  C2    . DG  A 1 4  ? 3.605   -1.386  6.208   1.00 9.91  ? 4  DG  A C2    1 
ATOM   76  N  N2    . DG  A 1 4  ? 3.680   -1.614  7.539   1.00 10.00 ? 4  DG  A N2    1 
ATOM   77  N  N3    . DG  A 1 4  ? 2.918   -2.202  5.460   1.00 9.15  ? 4  DG  A N3    1 
ATOM   78  C  C4    . DG  A 1 4  ? 2.957   -1.837  4.161   1.00 10.16 ? 4  DG  A C4    1 
ATOM   79  P  P     . DG  A 1 5  ? -3.095  -2.945  3.049   1.00 25.11 ? 5  DG  A P     1 
ATOM   80  O  OP1   . DG  A 1 5  ? -4.371  -3.819  3.123   1.00 14.49 ? 5  DG  A OP1   1 
ATOM   81  O  OP2   . DG  A 1 5  ? -3.495  -1.727  2.313   1.00 7.88  ? 5  DG  A OP2   1 
ATOM   82  O  "O5'" . DG  A 1 5  ? -2.483  -2.959  4.559   1.00 13.71 ? 5  DG  A "O5'" 1 
ATOM   83  C  "C5'" . DG  A 1 5  ? -3.537  -3.294  5.530   1.00 12.93 ? 5  DG  A "C5'" 1 
ATOM   84  C  "C4'" . DG  A 1 5  ? -3.003  -2.944  6.899   1.00 8.66  ? 5  DG  A "C4'" 1 
ATOM   85  O  "O4'" . DG  A 1 5  ? -1.580  -2.899  6.925   1.00 22.07 ? 5  DG  A "O4'" 1 
ATOM   86  C  "C3'" . DG  A 1 5  ? -3.455  -1.589  7.402   1.00 13.72 ? 5  DG  A "C3'" 1 
ATOM   87  O  "O3'" . DG  A 1 5  ? -4.715  -1.675  8.147   1.00 13.02 ? 5  DG  A "O3'" 1 
ATOM   88  C  "C2'" . DG  A 1 5  ? -2.356  -1.088  8.303   1.00 9.05  ? 5  DG  A "C2'" 1 
ATOM   89  C  "C1'" . DG  A 1 5  ? -1.151  -1.834  7.761   1.00 13.37 ? 5  DG  A "C1'" 1 
ATOM   90  N  N9    . DG  A 1 5  ? -0.434  -0.861  6.934   1.00 11.92 ? 5  DG  A N9    1 
ATOM   91  C  C8    . DG  A 1 5  ? -0.515  -0.718  5.598   1.00 11.15 ? 5  DG  A C8    1 
ATOM   92  N  N7    . DG  A 1 5  ? 0.200   0.268   5.112   1.00 11.37 ? 5  DG  A N7    1 
ATOM   93  C  C5    . DG  A 1 5  ? 0.776   0.812   6.304   1.00 5.68  ? 5  DG  A C5    1 
ATOM   94  C  C6    . DG  A 1 5  ? 1.722   1.871   6.426   1.00 13.51 ? 5  DG  A C6    1 
ATOM   95  O  O6    . DG  A 1 5  ? 2.184   2.487   5.426   1.00 8.31  ? 5  DG  A O6    1 
ATOM   96  N  N1    . DG  A 1 5  ? 2.023   2.164   7.732   1.00 6.59  ? 5  DG  A N1    1 
ATOM   97  C  C2    . DG  A 1 5  ? 1.583   1.415   8.788   1.00 7.82  ? 5  DG  A C2    1 
ATOM   98  N  N2    . DG  A 1 5  ? 1.951   1.839   9.998   1.00 9.32  ? 5  DG  A N2    1 
ATOM   99  N  N3    . DG  A 1 5  ? 0.751   0.367   8.697   1.00 8.06  ? 5  DG  A N3    1 
ATOM   100 C  C4    . DG  A 1 5  ? 0.404   0.127   7.406   1.00 13.58 ? 5  DG  A C4    1 
ATOM   101 P  P     . DC  A 1 6  ? -5.682  -0.425  7.779   1.00 12.53 ? 6  DC  A P     1 
ATOM   102 O  OP1   . DC  A 1 6  ? -7.052  -1.041  7.651   1.00 14.33 ? 6  DC  A OP1   1 
ATOM   103 O  OP2   . DC  A 1 6  ? -5.187  -0.120  6.381   1.00 14.36 ? 6  DC  A OP2   1 
ATOM   104 O  "O5'" . DC  A 1 6  ? -5.415  0.636   8.875   1.00 11.79 ? 6  DC  A "O5'" 1 
ATOM   105 C  "C5'" . DC  A 1 6  ? -4.755  0.344   10.116  1.00 18.31 ? 6  DC  A "C5'" 1 
ATOM   106 C  "C4'" . DC  A 1 6  ? -4.051  1.590   10.566  1.00 11.84 ? 6  DC  A "C4'" 1 
ATOM   107 O  "O4'" . DC  A 1 6  ? -2.767  1.584   9.921   1.00 14.41 ? 6  DC  A "O4'" 1 
ATOM   108 C  "C3'" . DC  A 1 6  ? -4.576  2.939   10.127  1.00 12.51 ? 6  DC  A "C3'" 1 
ATOM   109 O  "O3'" . DC  A 1 6  ? -5.820  3.314   10.713  1.00 12.43 ? 6  DC  A "O3'" 1 
ATOM   110 C  "C2'" . DC  A 1 6  ? -3.352  3.784   10.538  1.00 10.67 ? 6  DC  A "C2'" 1 
ATOM   111 C  "C1'" . DC  A 1 6  ? -2.266  2.929   10.036  1.00 13.02 ? 6  DC  A "C1'" 1 
ATOM   112 N  N1    . DC  A 1 6  ? -1.849  3.321   8.671   1.00 16.65 ? 6  DC  A N1    1 
ATOM   113 C  C2    . DC  A 1 6  ? -0.869  4.274   8.589   1.00 15.07 ? 6  DC  A C2    1 
ATOM   114 O  O2    . DC  A 1 6  ? -0.418  4.797   9.615   1.00 12.66 ? 6  DC  A O2    1 
ATOM   115 N  N3    . DC  A 1 6  ? -0.436  4.571   7.319   1.00 11.53 ? 6  DC  A N3    1 
ATOM   116 C  C4    . DC  A 1 6  ? -0.918  3.960   6.229   1.00 8.44  ? 6  DC  A C4    1 
ATOM   117 N  N4    . DC  A 1 6  ? -0.517  4.362   5.057   1.00 10.43 ? 6  DC  A N4    1 
ATOM   118 C  C5    . DC  A 1 6  ? -1.960  2.982   6.345   1.00 6.44  ? 6  DC  A C5    1 
ATOM   119 C  C6    . DC  A 1 6  ? -2.320  2.663   7.577   1.00 14.02 ? 6  DC  A C6    1 
ATOM   120 P  P     . DC  A 1 7  ? -6.785  4.580   10.541  1.00 15.14 ? 7  DC  A P     1 
ATOM   121 O  OP1   . DC  A 1 7  ? -7.649  4.968   11.677  1.00 12.47 ? 7  DC  A OP1   1 
ATOM   122 O  OP2   . DC  A 1 7  ? -7.306  4.440   9.159   1.00 11.51 ? 7  DC  A OP2   1 
ATOM   123 O  "O5'" . DC  A 1 7  ? -5.714  5.829   10.500  1.00 10.20 ? 7  DC  A "O5'" 1 
ATOM   124 C  "C5'" . DC  A 1 7  ? -5.518  6.620   11.718  1.00 10.69 ? 7  DC  A "C5'" 1 
ATOM   125 C  "C4'" . DC  A 1 7  ? -4.487  7.672   11.271  1.00 11.69 ? 7  DC  A "C4'" 1 
ATOM   126 O  "O4'" . DC  A 1 7  ? -3.495  7.014   10.447  1.00 11.05 ? 7  DC  A "O4'" 1 
ATOM   127 C  "C3'" . DC  A 1 7  ? -5.004  8.735   10.341  1.00 13.61 ? 7  DC  A "C3'" 1 
ATOM   128 O  "O3'" . DC  A 1 7  ? -5.869  9.715   10.888  1.00 16.69 ? 7  DC  A "O3'" 1 
ATOM   129 C  "C2'" . DC  A 1 7  ? -3.648  9.294   9.849   1.00 10.24 ? 7  DC  A "C2'" 1 
ATOM   130 C  "C1'" . DC  A 1 7  ? -2.873  8.054   9.619   1.00 14.02 ? 7  DC  A "C1'" 1 
ATOM   131 N  N1    . DC  A 1 7  ? -2.874  7.590   8.215   1.00 8.66  ? 7  DC  A N1    1 
ATOM   132 C  C2    . DC  A 1 7  ? -2.078  8.248   7.323   1.00 13.78 ? 7  DC  A C2    1 
ATOM   133 O  O2    . DC  A 1 7  ? -1.384  9.220   7.647   1.00 9.91  ? 7  DC  A O2    1 
ATOM   134 N  N3    . DC  A 1 7  ? -2.041  7.780   6.069   1.00 6.59  ? 7  DC  A N3    1 
ATOM   135 C  C4    . DC  A 1 7  ? -2.820  6.736   5.637   1.00 9.25  ? 7  DC  A C4    1 
ATOM   136 N  N4    . DC  A 1 7  ? -2.722  6.440   4.334   1.00 13.38 ? 7  DC  A N4    1 
ATOM   137 C  C5    . DC  A 1 7  ? -3.652  6.082   6.527   1.00 8.36  ? 7  DC  A C5    1 
ATOM   138 C  C6    . DC  A 1 7  ? -3.627  6.511   7.819   1.00 6.01  ? 7  DC  A C6    1 
ATOM   139 P  P     . DG  A 1 8  ? -6.944  10.679  10.317  1.00 16.18 ? 8  DG  A P     1 
ATOM   140 O  OP1   . DG  A 1 8  ? -7.141  11.708  11.335  1.00 13.62 ? 8  DG  A OP1   1 
ATOM   141 O  OP2   . DG  A 1 8  ? -8.092  9.882   9.883   1.00 14.96 ? 8  DG  A OP2   1 
ATOM   142 O  "O5'" . DG  A 1 8  ? -6.455  11.508  8.990   1.00 11.47 ? 8  DG  A "O5'" 1 
ATOM   143 C  "C5'" . DG  A 1 8  ? -6.014  12.889  9.096   1.00 13.46 ? 8  DG  A "C5'" 1 
ATOM   144 C  "C4'" . DG  A 1 8  ? -4.866  13.185  8.193   1.00 8.92  ? 8  DG  A "C4'" 1 
ATOM   145 O  "O4'" . DG  A 1 8  ? -4.141  11.997  7.839   1.00 11.85 ? 8  DG  A "O4'" 1 
ATOM   146 C  "C3'" . DG  A 1 8  ? -5.211  13.687  6.776   1.00 12.16 ? 8  DG  A "C3'" 1 
ATOM   147 O  "O3'" . DG  A 1 8  ? -5.736  14.966  6.765   1.00 9.36  ? 8  DG  A "O3'" 1 
ATOM   148 C  "C2'" . DG  A 1 8  ? -3.778  13.694  6.198   1.00 8.87  ? 8  DG  A "C2'" 1 
ATOM   149 C  "C1'" . DG  A 1 8  ? -3.395  12.324  6.658   1.00 11.63 ? 8  DG  A "C1'" 1 
ATOM   150 N  N9    . DG  A 1 8  ? -3.713  11.305  5.663   1.00 6.77  ? 8  DG  A N9    1 
ATOM   151 C  C8    . DG  A 1 8  ? -4.594  10.275  5.782   1.00 6.37  ? 8  DG  A C8    1 
ATOM   152 N  N7    . DG  A 1 8  ? -4.578  9.508   4.669   1.00 10.83 ? 8  DG  A N7    1 
ATOM   153 C  C5    . DG  A 1 8  ? -3.612  10.074  3.872   1.00 6.90  ? 8  DG  A C5    1 
ATOM   154 C  C6    . DG  A 1 8  ? -3.130  9.721   2.585   1.00 14.27 ? 8  DG  A C6    1 
ATOM   155 O  O6    . DG  A 1 8  ? -3.517  8.729   1.907   1.00 10.09 ? 8  DG  A O6    1 
ATOM   156 N  N1    . DG  A 1 8  ? -2.112  10.561  2.139   1.00 12.54 ? 8  DG  A N1    1 
ATOM   157 C  C2    . DG  A 1 8  ? -1.698  11.643  2.808   1.00 6.71  ? 8  DG  A C2    1 
ATOM   158 N  N2    . DG  A 1 8  ? -0.739  12.391  2.224   1.00 6.36  ? 8  DG  A N2    1 
ATOM   159 N  N3    . DG  A 1 8  ? -2.148  12.024  3.994   1.00 9.11  ? 8  DG  A N3    1 
ATOM   160 C  C4    . DG  A 1 8  ? -3.084  11.183  4.466   1.00 3.46  ? 8  DG  A C4    1 
ATOM   161 P  P     . DG  A 1 9  ? -6.944  15.483  5.922   1.00 14.67 ? 9  DG  A P     1 
ATOM   162 O  OP1   . DG  A 1 9  ? -7.367  16.706  6.575   1.00 15.97 ? 9  DG  A OP1   1 
ATOM   163 O  OP2   . DG  A 1 9  ? -7.781  14.299  5.721   1.00 18.11 ? 9  DG  A OP2   1 
ATOM   164 O  "O5'" . DG  A 1 9  ? -5.994  15.577  4.613   1.00 14.16 ? 9  DG  A "O5'" 1 
ATOM   165 C  "C5'" . DG  A 1 9  ? -5.363  16.785  4.284   1.00 16.36 ? 9  DG  A "C5'" 1 
ATOM   166 C  "C4'" . DG  A 1 9  ? -4.530  16.523  3.026   1.00 13.89 ? 9  DG  A "C4'" 1 
ATOM   167 O  "O4'" . DG  A 1 9  ? -4.010  15.226  2.934   1.00 13.83 ? 9  DG  A "O4'" 1 
ATOM   168 C  "C3'" . DG  A 1 9  ? -5.367  16.679  1.733   1.00 15.26 ? 9  DG  A "C3'" 1 
ATOM   169 O  "O3'" . DG  A 1 9  ? -5.764  18.028  1.581   1.00 14.33 ? 9  DG  A "O3'" 1 
ATOM   170 C  "C2'" . DG  A 1 9  ? -4.369  16.118  0.730   1.00 11.36 ? 9  DG  A "C2'" 1 
ATOM   171 C  "C1'" . DG  A 1 9  ? -3.837  14.957  1.491   1.00 16.23 ? 9  DG  A "C1'" 1 
ATOM   172 N  N9    . DG  A 1 9  ? -4.547  13.699  1.280   1.00 9.35  ? 9  DG  A N9    1 
ATOM   173 C  C8    . DG  A 1 9  ? -5.449  13.075  2.094   1.00 6.82  ? 9  DG  A C8    1 
ATOM   174 N  N7    . DG  A 1 9  ? -5.817  11.923  1.661   1.00 8.00  ? 9  DG  A N7    1 
ATOM   175 C  C5    . DG  A 1 9  ? -5.096  11.712  0.488   1.00 7.13  ? 9  DG  A C5    1 
ATOM   176 C  C6    . DG  A 1 9  ? -5.056  10.651  -0.447  1.00 17.78 ? 9  DG  A C6    1 
ATOM   177 O  O6    . DG  A 1 9  ? -5.728  9.578   -0.423  1.00 19.01 ? 9  DG  A O6    1 
ATOM   178 N  N1    . DG  A 1 9  ? -4.187  10.848  -1.516  1.00 8.25  ? 9  DG  A N1    1 
ATOM   179 C  C2    . DG  A 1 9  ? -3.415  11.959  -1.576  1.00 9.73  ? 9  DG  A C2    1 
ATOM   180 N  N2    . DG  A 1 9  ? -2.572  12.118  -2.624  1.00 15.02 ? 9  DG  A N2    1 
ATOM   181 N  N3    . DG  A 1 9  ? -3.384  12.958  -0.715  1.00 11.26 ? 9  DG  A N3    1 
ATOM   182 C  C4    . DG  A 1 9  ? -4.309  12.793  0.265   1.00 14.84 ? 9  DG  A C4    1 
ATOM   183 P  P     . DT  A 1 10 ? -6.728  18.406  0.343   1.00 17.43 ? 10 DT  A P     1 
ATOM   184 O  OP1   . DT  A 1 10 ? -6.508  19.852  0.095   1.00 13.05 ? 10 DT  A OP1   1 
ATOM   185 O  OP2   . DT  A 1 10 ? -7.900  17.698  0.856   1.00 15.63 ? 10 DT  A OP2   1 
ATOM   186 O  "O5'" . DT  A 1 10 ? -6.014  17.598  -0.865  1.00 17.33 ? 10 DT  A "O5'" 1 
ATOM   187 C  "C5'" . DT  A 1 10 ? -5.096  18.453  -1.618  1.00 16.79 ? 10 DT  A "C5'" 1 
ATOM   188 C  "C4'" . DT  A 1 10 ? -5.120  17.858  -3.019  1.00 21.87 ? 10 DT  A "C4'" 1 
ATOM   189 O  "O4'" . DT  A 1 10 ? -4.692  16.531  -3.044  1.00 12.56 ? 10 DT  A "O4'" 1 
ATOM   190 C  "C3'" . DT  A 1 10 ? -6.520  17.799  -3.630  1.00 21.83 ? 10 DT  A "C3'" 1 
ATOM   191 O  "O3'" . DT  A 1 10 ? -6.966  19.113  -4.042  1.00 24.56 ? 10 DT  A "O3'" 1 
ATOM   192 C  "C2'" . DT  A 1 10 ? -6.318  16.772  -4.741  1.00 18.11 ? 10 DT  A "C2'" 1 
ATOM   193 C  "C1'" . DT  A 1 10 ? -5.353  15.791  -4.099  1.00 16.67 ? 10 DT  A "C1'" 1 
ATOM   194 N  N1    . DT  A 1 10 ? -6.051  14.665  -3.478  1.00 18.18 ? 10 DT  A N1    1 
ATOM   195 C  C2    . DT  A 1 10 ? -5.959  13.400  -4.000  1.00 16.42 ? 10 DT  A C2    1 
ATOM   196 O  O2    . DT  A 1 10 ? -5.320  13.178  -5.018  1.00 23.62 ? 10 DT  A O2    1 
ATOM   197 N  N3    . DT  A 1 10 ? -6.623  12.403  -3.377  1.00 15.17 ? 10 DT  A N3    1 
ATOM   198 C  C4    . DT  A 1 10 ? -7.364  12.564  -2.265  1.00 16.09 ? 10 DT  A C4    1 
ATOM   199 O  O4    . DT  A 1 10 ? -8.001  11.544  -1.787  1.00 14.50 ? 10 DT  A O4    1 
ATOM   200 C  C5    . DT  A 1 10 ? -7.433  13.877  -1.706  1.00 17.60 ? 10 DT  A C5    1 
ATOM   201 C  C7    . DT  A 1 10 ? -8.213  14.178  -0.468  1.00 12.75 ? 10 DT  A C7    1 
ATOM   202 C  C6    . DT  A 1 10 ? -6.781  14.859  -2.340  1.00 16.16 ? 10 DT  A C6    1 
HETATM 203 CO CO    . NCO B 2 .  ? -13.048 -18.632 -12.457 0.50 47.72 ? 11 NCO A CO    1 
HETATM 204 N  N1    . NCO B 2 .  ? -14.245 -19.994 -13.090 0.50 49.98 ? 11 NCO A N1    1 
HETATM 205 N  N2    . NCO B 2 .  ? -14.590 -17.416 -12.138 0.50 49.36 ? 11 NCO A N2    1 
HETATM 206 N  N3    . NCO B 2 .  ? -11.852 -17.146 -11.873 0.50 49.62 ? 11 NCO A N3    1 
HETATM 207 N  N4    . NCO B 2 .  ? -11.465 -19.714 -12.851 0.50 47.65 ? 11 NCO A N4    1 
HETATM 208 N  N5    . NCO B 2 .  ? -12.924 -17.863 -14.291 0.50 49.34 ? 11 NCO A N5    1 
HETATM 209 N  N6    . NCO B 2 .  ? -13.134 -19.291 -10.633 0.50 48.26 ? 11 NCO A N6    1 
HETATM 210 CO CO    . NCO C 2 .  ? -5.103  -18.481 -20.304 0.50 48.95 ? 12 NCO A CO    1 
HETATM 211 N  N1    . NCO C 2 .  ? -6.953  -18.407 -19.623 0.50 49.09 ? 12 NCO A N1    1 
HETATM 212 N  N2    . NCO C 2 .  ? -4.459  -18.938 -18.520 0.50 49.25 ? 12 NCO A N2    1 
HETATM 213 N  N3    . NCO C 2 .  ? -3.296  -18.692 -21.022 0.50 48.15 ? 12 NCO A N3    1 
HETATM 214 N  N4    . NCO C 2 .  ? -5.766  -18.051 -22.099 0.50 49.77 ? 12 NCO A N4    1 
HETATM 215 N  N5    . NCO C 2 .  ? -5.419  -20.421 -20.687 0.50 47.71 ? 12 NCO A N5    1 
HETATM 216 N  N6    . NCO C 2 .  ? -4.814  -16.610 -19.920 0.50 48.77 ? 12 NCO A N6    1 
HETATM 217 CO CO    . NCO D 2 .  ? 8.621   -16.005 -12.413 0.50 43.16 ? 13 NCO A CO    1 
HETATM 218 N  N1    . NCO D 2 .  ? 6.826   -15.794 -13.135 0.50 48.42 ? 13 NCO A N1    1 
HETATM 219 N  N2    . NCO D 2 .  ? 8.773   -17.781 -13.181 0.50 50.21 ? 13 NCO A N2    1 
HETATM 220 N  N3    . NCO D 2 .  ? 10.412  -16.210 -11.596 0.50 50.73 ? 13 NCO A N3    1 
HETATM 221 N  N4    . NCO D 2 .  ? 8.528   -14.208 -11.587 0.50 48.02 ? 13 NCO A N4    1 
HETATM 222 N  N5    . NCO D 2 .  ? 7.912   -16.850 -10.775 0.50 49.19 ? 13 NCO A N5    1 
HETATM 223 N  N6    . NCO D 2 .  ? 9.416   -15.184 -13.976 0.50 48.91 ? 13 NCO A N6    1 
HETATM 224 O  O     . HOH E 3 .  ? 3.414   -8.309  -4.286  1.00 8.16  ? 14 HOH A O     1 
HETATM 225 O  O     . HOH E 3 .  ? -9.033  -3.315  6.096   1.00 44.24 ? 15 HOH A O     1 
HETATM 226 O  O     . HOH E 3 .  ? -3.496  -6.412  3.764   1.00 62.86 ? 16 HOH A O     1 
HETATM 227 O  O     . HOH E 3 .  ? 6.636   -11.991 8.408   1.00 42.79 ? 17 HOH A O     1 
HETATM 228 O  O     . HOH E 3 .  ? -3.125  8.728   10.140  1.00 39.67 ? 18 HOH A O     1 
HETATM 229 O  O     . HOH E 3 .  ? 12.517  -8.654  -2.902  1.00 28.78 ? 19 HOH A O     1 
HETATM 230 O  O     . HOH E 3 .  ? 17.233  4.103   0.897   1.00 50.01 ? 20 HOH A O     1 
HETATM 231 O  O     . HOH E 3 .  ? -5.426  -14.963 -2.990  1.00 23.88 ? 21 HOH A O     1 
HETATM 232 O  O     . HOH E 3 .  ? -17.329 -16.818 -18.705 1.00 15.95 ? 22 HOH A O     1 
HETATM 233 O  O     . HOH E 3 .  ? -9.945  16.659  2.138   1.00 26.71 ? 23 HOH A O     1 
HETATM 234 O  O     . HOH E 3 .  ? -3.801  -7.185  1.113   1.00 38.64 ? 24 HOH A O     1 
HETATM 235 O  O     . HOH E 3 .  ? -4.275  -1.152  -4.196  1.00 55.79 ? 25 HOH A O     1 
HETATM 236 O  O     . HOH E 3 .  ? 9.792   -13.199 -19.844 1.00 43.35 ? 26 HOH A O     1 
HETATM 237 O  O     . HOH E 3 .  ? -10.385 -16.269 -4.908  1.00 46.28 ? 27 HOH A O     1 
HETATM 238 O  O     . HOH E 3 .  ? 7.417   2.570   0.224   1.00 21.42 ? 28 HOH A O     1 
HETATM 239 O  O     . HOH E 3 .  ? -10.589 -2.872  8.460   1.00 55.55 ? 29 HOH A O     1 
HETATM 240 O  O     . HOH E 3 .  ? 0.375   -8.482  -0.862  1.00 25.90 ? 30 HOH A O     1 
HETATM 241 O  O     . HOH E 3 .  ? 1.007   -12.018 -20.285 1.00 43.92 ? 31 HOH A O     1 
HETATM 242 O  O     . HOH E 3 .  ? -0.673  -21.034 -23.780 1.00 38.72 ? 32 HOH A O     1 
HETATM 243 O  O     . HOH E 3 .  ? 14.761  1.926   1.101   1.00 35.51 ? 33 HOH A O     1 
HETATM 244 O  O     . HOH E 3 .  ? 6.929   -12.893 -15.287 1.00 37.56 ? 34 HOH A O     1 
HETATM 245 O  O     . HOH E 3 .  ? -1.310  -14.424 -20.491 1.00 40.66 ? 35 HOH A O     1 
HETATM 246 O  O     . HOH E 3 .  ? -2.034  -11.075 5.189   1.00 54.04 ? 36 HOH A O     1 
HETATM 247 O  O     . HOH E 3 .  ? -1.508  -0.496  -3.369  1.00 28.59 ? 37 HOH A O     1 
HETATM 248 O  O     . HOH E 3 .  ? -13.447 -19.383 -4.535  1.00 28.08 ? 38 HOH A O     1 
HETATM 249 O  O     . HOH E 3 .  ? -12.082 -23.818 -21.477 1.00 45.53 ? 39 HOH A O     1 
HETATM 250 O  O     . HOH E 3 .  ? 0.688   -5.173  7.100   1.00 20.76 ? 40 HOH A O     1 
HETATM 251 O  O     . HOH E 3 .  ? -5.598  -10.570 -3.351  1.00 27.68 ? 41 HOH A O     1 
HETATM 252 O  O     . HOH E 3 .  ? 12.220  2.886   1.651   1.00 34.01 ? 42 HOH A O     1 
HETATM 253 O  O     . HOH E 3 .  ? 4.469   -16.808 -22.648 1.00 37.03 ? 43 HOH A O     1 
HETATM 254 O  O     . HOH E 3 .  ? 0.964   -17.985 -22.985 1.00 39.39 ? 44 HOH A O     1 
HETATM 255 O  O     . HOH E 3 .  ? 2.262   15.530  0.092   1.00 39.20 ? 45 HOH A O     1 
HETATM 256 O  O     . HOH E 3 .  ? 7.269   -9.895  0.959   1.00 53.83 ? 46 HOH A O     1 
HETATM 257 O  O     . HOH E 3 .  ? 6.020   -10.100 0.708   1.00 56.26 ? 47 HOH A O     1 
HETATM 258 O  O     . HOH E 3 .  ? -9.980  -0.161  7.271   1.00 42.16 ? 48 HOH A O     1 
HETATM 259 O  O     . HOH E 3 .  ? -0.093  16.534  2.485   1.00 59.84 ? 49 HOH A O     1 
HETATM 260 O  O     . HOH E 3 .  ? 16.463  -4.956  11.484  1.00 63.49 ? 50 HOH A O     1 
HETATM 261 O  O     . HOH E 3 .  ? -11.382 -15.340 6.296   1.00 57.18 ? 51 HOH A O     1 
HETATM 262 O  O     . HOH E 3 .  ? -16.588 -23.337 -24.733 1.00 33.28 ? 52 HOH A O     1 
HETATM 263 O  O     . HOH E 3 .  ? 6.327   -19.467 -12.981 1.00 42.49 ? 53 HOH A O     1 
HETATM 264 O  O     . HOH E 3 .  ? -10.428 4.590   12.387  1.00 36.29 ? 54 HOH A O     1 
HETATM 265 O  O     . HOH E 3 .  ? 8.498   -15.991 -19.942 1.00 49.33 ? 55 HOH A O     1 
HETATM 266 O  O     . HOH E 3 .  ? -8.312  -24.308 -24.806 1.00 46.88 ? 56 HOH A O     1 
HETATM 267 O  O     . HOH E 3 .  ? -6.037  -6.603  4.936   1.00 39.96 ? 57 HOH A O     1 
HETATM 268 O  O     . HOH E 3 .  ? -3.459  -1.315  -1.696  1.00 52.12 ? 58 HOH A O     1 
HETATM 269 O  O     . HOH E 3 .  ? -17.979 -20.822 -18.296 1.00 51.78 ? 59 HOH A O     1 
HETATM 270 O  O     . HOH E 3 .  ? -0.260  -6.879  5.365   1.00 61.25 ? 60 HOH A O     1 
HETATM 271 O  O     . HOH E 3 .  ? 6.086   -17.267 -17.061 1.00 48.88 ? 61 HOH A O     1 
HETATM 272 O  O     . HOH E 3 .  ? 20.810  -8.452  9.708   1.00 55.88 ? 62 HOH A O     1 
HETATM 273 O  O     . HOH E 3 .  ? -4.916  -9.491  1.535   1.00 25.10 ? 63 HOH A O     1 
HETATM 274 O  O     . HOH E 3 .  ? -5.002  -14.528 4.869   1.00 28.18 ? 64 HOH A O     1 
HETATM 275 O  O     . HOH E 3 .  ? 23.371  -5.505  9.769   1.00 31.18 ? 65 HOH A O     1 
HETATM 276 O  O     . HOH E 3 .  ? 11.880  -17.393 -13.128 1.00 30.07 ? 66 HOH A O     1 
HETATM 277 O  O     . HOH E 3 .  ? -1.641  -17.236 -19.805 1.00 29.33 ? 67 HOH A O     1 
HETATM 278 O  O     . HOH E 3 .  ? 0.692   -9.726  7.748   1.00 42.42 ? 68 HOH A O     1 
HETATM 279 O  O     . HOH E 3 .  ? 17.524  -1.823  8.611   1.00 42.18 ? 69 HOH A O     1 
HETATM 280 O  O     . HOH E 3 .  ? 19.441  -4.866  9.703   1.00 40.09 ? 70 HOH A O     1 
HETATM 281 O  O     . HOH E 3 .  ? -11.544 2.974   10.443  1.00 43.86 ? 71 HOH A O     1 
HETATM 282 O  O     . HOH E 3 .  ? -8.051  13.418  12.564  1.00 41.13 ? 72 HOH A O     1 
HETATM 283 O  O     . HOH E 3 .  ? 1.022   -14.600 -2.740  1.00 43.55 ? 73 HOH A O     1 
HETATM 284 O  O     . HOH E 3 .  ? -7.721  -17.283 2.631   1.00 42.70 ? 74 HOH A O     1 
HETATM 285 O  O     . HOH E 3 .  ? 21.893  -8.360  6.344   1.00 44.29 ? 75 HOH A O     1 
HETATM 286 O  O     . HOH E 3 .  ? -9.641  -5.527  8.506   1.00 43.22 ? 76 HOH A O     1 
HETATM 287 O  O     . HOH E 3 .  ? -16.098 -26.216 -23.990 1.00 42.50 ? 77 HOH A O     1 
HETATM 288 O  O     . HOH E 3 .  ? -3.121  -13.824 -0.520  1.00 40.61 ? 78 HOH A O     1 
HETATM 289 O  O     . HOH E 3 .  ? 1.019   -7.022  -3.715  1.00 40.57 ? 79 HOH A O     1 
# 
